data_2RCR
#
_entry.id   2RCR
#
_cell.length_a   142.200
_cell.length_b   139.600
_cell.length_c   78.700
_cell.angle_alpha   90.00
_cell.angle_beta   90.00
_cell.angle_gamma   90.00
#
_symmetry.space_group_name_H-M   'P 21 21 21'
#
loop_
_entity.id
_entity.type
_entity.pdbx_description
1 polymer 'PHOTOSYNTHETIC REACTION CENTER (L SUBUNIT)'
2 polymer 'PHOTOSYNTHETIC REACTION CENTER (M SUBUNIT)'
3 polymer 'PHOTOSYNTHETIC REACTION CENTER (H SUBUNIT)'
4 non-polymer 'BACTERIOCHLOROPHYLL A'
5 non-polymer 'BACTERIOPHEOPHYTIN A'
6 non-polymer 'Coenzyme Q10, (2Z,6E,10Z,14E,18E,22E,26Z)-isomer'
7 non-polymer 'FE (III) ION'
#
loop_
_entity_poly.entity_id
_entity_poly.type
_entity_poly.pdbx_seq_one_letter_code
_entity_poly.pdbx_strand_id
1 'polypeptide(L)'
;ALLSFERKYRVPGGTLVGGNLFDFWVGPFYVGFFGVATFFFAALGIILIAWSAVLQGTWNPQLISVYPPALEYGLGGAPL
AKGGLWQIITICATGAFVSWALREVEICRKLGIGYHIPFAFAFAILAYLTLVLFRPVMMGAWGYAFPYGIWTHLDWVSNT
GYTYGNFHYNPAHMIAISFFFTNALALALHGALVLSAANPEKGKEMRTPDHEDTFFRDLVGYSIGTLGIHRLGLLLSLSA
VFFSALCMIITGTIWFDQWVDWWQWWVKLPWWANIPGGING
;
L
2 'polypeptide(L)'
;AEYQNIFSQVQVRGPADLGMTEDVNLANRSGVGPFSTLLGWFGNAQLGPIYLGSLGVLSLFSGLMWFFTIGIWFWYQAGW
NPAVFLRDLFFFSLEPPAPEYGLSFAAPLKEGGLWLIASFFMFVAVWSWWGRTYLRAQALGMGKHTAWAFLSAIWLWMVL
GFIRPILMGSWSEAVPYGIFSHLDWTNNFSLVHGNLFYNPFHGLSIAFLYGSALLFAMHGATILAVSRFGGERELEQIAD
RGTAAERAALFWRWTMGFNATMEGIHRWAIWMAVLVTLTGGIGILLSGTVVDNWYVWGQNHGMAPLN
;
M
3 'polypeptide(L)'
;MVGVTAFGNFDLASLAIYSFWIFLAGLIYYLQTENMREGYPLENEDGTPAANQGPFPLPKPKTFILPHGRGTLTVPGPES
EDRPIALARTAVSEGFPHAPTGDPMKDGVGPASWVARRDLPELDGHGHNKIKPMKAAAGFHVSAGKNPIGLPVRGCDLEI
AGKVVDIWVDIPEQMARFLEVELKDGSTRLLPMQMVKVQSNRVHVNALSSDLFAGIPTIKSPTEVTLLEEDKICGYVAGG
LMYAAPKRKSVVAAMLAEYA
;
H
#
loop_
_chem_comp.id
_chem_comp.type
_chem_comp.name
_chem_comp.formula
BCL non-polymer 'BACTERIOCHLOROPHYLL A' 'C55 H74 Mg N4 O6'
BPH non-polymer 'BACTERIOPHEOPHYTIN A' 'C55 H76 N4 O6'
FE non-polymer 'FE (III) ION' 'Fe 3'
UQ non-polymer 'Coenzyme Q10, (2Z,6E,10Z,14E,18E,22E,26Z)-isomer' 'C59 H90 O4'
#
# COMPACT_ATOMS: atom_id res chain seq x y z
N ALA A 1 9.31 28.46 -10.06
CA ALA A 1 8.68 27.70 -8.97
C ALA A 1 9.37 26.33 -8.96
N LEU A 2 9.31 25.75 -10.16
CA LEU A 2 9.88 24.42 -10.49
C LEU A 2 8.79 23.53 -11.12
N LEU A 3 7.57 23.89 -10.76
CA LEU A 3 6.35 23.18 -11.17
C LEU A 3 5.20 24.19 -11.30
N SER A 4 4.18 23.76 -11.98
CA SER A 4 2.94 24.43 -12.30
C SER A 4 2.15 24.90 -11.07
N PHE A 5 1.94 23.89 -10.24
CA PHE A 5 1.16 24.04 -9.00
C PHE A 5 2.03 24.27 -7.78
N GLU A 6 3.30 24.00 -7.93
CA GLU A 6 4.36 24.16 -6.93
C GLU A 6 4.22 25.47 -6.16
N ARG A 7 4.54 26.57 -6.79
CA ARG A 7 4.52 27.96 -6.37
C ARG A 7 3.60 28.17 -5.17
N LYS A 8 2.36 28.32 -5.55
CA LYS A 8 1.22 28.59 -4.66
C LYS A 8 1.42 27.99 -3.25
N TYR A 9 2.01 26.81 -3.18
CA TYR A 9 2.14 26.07 -1.91
C TYR A 9 3.44 26.28 -1.18
N ARG A 10 4.34 27.09 -1.69
CA ARG A 10 5.66 27.31 -1.05
C ARG A 10 5.71 28.45 -0.06
N VAL A 11 5.26 28.21 1.18
CA VAL A 11 5.29 29.29 2.18
C VAL A 11 6.08 28.90 3.42
N PRO A 12 6.84 29.87 3.92
CA PRO A 12 7.65 29.69 5.15
C PRO A 12 6.72 29.30 6.26
N GLY A 13 6.64 27.99 6.44
CA GLY A 13 5.80 27.36 7.47
C GLY A 13 6.62 26.33 8.26
N GLY A 14 6.17 25.09 8.18
CA GLY A 14 6.83 23.96 8.87
C GLY A 14 7.68 24.46 10.05
N THR A 15 8.98 24.43 9.83
CA THR A 15 10.02 24.86 10.79
C THR A 15 9.70 24.44 12.24
N LEU A 16 9.97 23.16 12.49
CA LEU A 16 9.86 22.52 13.81
C LEU A 16 11.17 22.79 14.57
N VAL A 17 12.09 23.14 13.71
CA VAL A 17 13.49 23.46 13.99
C VAL A 17 13.65 24.71 14.86
N GLY A 18 13.54 25.81 14.16
CA GLY A 18 13.60 27.19 14.62
C GLY A 18 12.47 27.92 13.86
N GLY A 19 12.91 28.85 13.05
CA GLY A 19 12.06 29.69 12.20
C GLY A 19 12.92 30.27 11.07
N ASN A 20 13.22 29.38 10.16
CA ASN A 20 14.02 29.61 8.95
C ASN A 20 15.51 29.29 9.20
N LEU A 21 16.35 30.07 8.52
CA LEU A 21 17.81 29.88 8.53
C LEU A 21 18.06 28.57 7.75
N PHE A 22 17.13 27.67 7.98
CA PHE A 22 17.10 26.34 7.37
C PHE A 22 15.70 26.02 6.84
N ASP A 23 15.12 27.01 6.18
CA ASP A 23 13.80 26.90 5.54
C ASP A 23 13.91 27.39 4.10
N PHE A 24 14.37 26.47 3.28
CA PHE A 24 14.50 26.66 1.84
C PHE A 24 14.67 25.28 1.20
N TRP A 25 14.43 25.30 -0.09
CA TRP A 25 14.49 24.16 -0.99
C TRP A 25 15.71 24.35 -1.92
N VAL A 26 16.46 23.27 -1.98
CA VAL A 26 17.67 23.19 -2.83
C VAL A 26 17.26 22.20 -3.93
N GLY A 27 16.60 22.81 -4.89
CA GLY A 27 16.06 22.14 -6.09
C GLY A 27 14.63 21.72 -5.69
N PRO A 28 14.30 20.54 -6.18
CA PRO A 28 12.98 19.96 -5.87
C PRO A 28 12.90 19.73 -4.36
N PHE A 29 14.07 19.44 -3.79
CA PHE A 29 14.26 19.11 -2.37
C PHE A 29 14.07 20.31 -1.44
N TYR A 30 13.88 19.93 -0.17
CA TYR A 30 13.62 20.83 0.96
C TYR A 30 14.70 20.68 2.04
N VAL A 31 15.56 21.69 2.13
CA VAL A 31 16.65 21.72 3.11
C VAL A 31 16.15 22.28 4.44
N GLY A 32 16.42 21.52 5.49
CA GLY A 32 16.03 21.84 6.88
C GLY A 32 17.06 21.25 7.86
N PHE A 33 16.73 21.37 9.15
CA PHE A 33 17.58 20.86 10.25
C PHE A 33 17.94 19.39 9.96
N PHE A 34 16.90 18.65 9.64
CA PHE A 34 16.89 17.23 9.33
C PHE A 34 17.40 16.99 7.92
N GLY A 35 17.78 18.06 7.27
CA GLY A 35 18.24 17.99 5.86
C GLY A 35 19.74 17.80 5.83
N VAL A 36 20.38 18.54 6.70
CA VAL A 36 21.81 18.44 6.85
C VAL A 36 22.09 17.36 7.92
N ALA A 37 21.10 17.17 8.78
CA ALA A 37 21.15 16.17 9.87
C ALA A 37 21.07 14.77 9.26
N THR A 38 20.28 14.68 8.23
CA THR A 38 20.11 13.43 7.50
C THR A 38 21.39 13.20 6.67
N PHE A 39 21.81 14.30 6.05
CA PHE A 39 23.08 14.39 5.27
C PHE A 39 24.23 14.09 6.24
N PHE A 40 23.86 14.25 7.48
CA PHE A 40 24.67 14.02 8.65
C PHE A 40 25.17 12.57 8.73
N PHE A 41 24.22 11.72 9.03
CA PHE A 41 24.41 10.28 9.21
C PHE A 41 24.53 9.52 7.88
N ALA A 42 24.26 10.28 6.84
CA ALA A 42 24.34 9.81 5.45
C ALA A 42 25.81 9.96 5.01
N ALA A 43 26.26 11.22 5.09
CA ALA A 43 27.64 11.55 4.73
C ALA A 43 28.51 10.58 5.52
N LEU A 44 28.57 10.86 6.81
CA LEU A 44 29.37 10.00 7.71
C LEU A 44 29.03 8.54 7.41
N GLY A 45 27.85 8.36 6.84
CA GLY A 45 27.35 7.03 6.46
C GLY A 45 28.29 6.46 5.39
N ILE A 46 28.12 7.01 4.19
CA ILE A 46 28.88 6.64 3.00
C ILE A 46 30.34 7.04 3.13
N ILE A 47 30.60 7.81 4.17
CA ILE A 47 31.91 8.32 4.59
C ILE A 47 32.73 7.16 5.18
N LEU A 48 32.09 6.50 6.12
CA LEU A 48 32.52 5.37 6.90
C LEU A 48 32.40 4.04 6.16
N ILE A 49 31.25 3.78 5.62
CA ILE A 49 30.99 2.55 4.86
C ILE A 49 32.26 2.16 4.11
N ALA A 50 32.48 2.90 3.03
CA ALA A 50 33.60 2.79 2.11
C ALA A 50 34.90 2.42 2.79
N TRP A 51 35.04 2.71 4.07
CA TRP A 51 36.23 2.45 4.89
C TRP A 51 36.43 0.99 5.25
N SER A 52 35.53 0.38 5.96
CA SER A 52 35.58 -1.02 6.40
C SER A 52 35.74 -1.95 5.17
N ALA A 53 35.57 -1.35 3.99
CA ALA A 53 35.73 -2.05 2.70
C ALA A 53 37.09 -1.75 2.15
N VAL A 54 37.59 -0.65 2.68
CA VAL A 54 38.92 -0.15 2.35
C VAL A 54 39.93 -1.00 3.10
N LEU A 55 39.54 -1.45 4.29
CA LEU A 55 40.34 -2.46 4.95
C LEU A 55 40.42 -3.45 3.80
N GLN A 56 41.00 -4.60 3.89
CA GLN A 56 40.94 -5.41 2.68
C GLN A 56 39.64 -6.21 2.67
N GLY A 57 38.56 -5.44 2.51
CA GLY A 57 37.25 -6.03 2.21
C GLY A 57 37.53 -6.59 0.84
N THR A 58 36.64 -6.41 -0.10
CA THR A 58 36.90 -7.00 -1.41
C THR A 58 36.19 -6.22 -2.51
N TRP A 59 35.96 -6.87 -3.64
CA TRP A 59 35.42 -6.15 -4.80
C TRP A 59 34.15 -6.77 -5.35
N ASN A 60 33.31 -5.78 -5.56
CA ASN A 60 31.90 -5.87 -5.90
C ASN A 60 31.20 -5.51 -4.55
N PRO A 61 30.52 -4.39 -4.53
CA PRO A 61 29.85 -3.94 -3.31
C PRO A 61 28.72 -4.88 -2.94
N GLN A 62 28.99 -6.17 -3.10
CA GLN A 62 28.06 -7.27 -2.83
C GLN A 62 28.56 -8.19 -1.72
N LEU A 63 29.86 -8.47 -1.75
CA LEU A 63 30.51 -9.31 -0.74
C LEU A 63 31.32 -8.44 0.27
N ILE A 64 31.26 -7.09 0.16
CA ILE A 64 31.90 -6.20 1.19
C ILE A 64 30.88 -5.89 2.26
N SER A 65 31.20 -6.38 3.42
CA SER A 65 30.34 -6.25 4.56
C SER A 65 31.05 -5.52 5.68
N VAL A 66 30.30 -5.48 6.73
CA VAL A 66 30.66 -4.92 8.00
C VAL A 66 30.00 -5.83 9.00
N TYR A 67 30.76 -6.78 9.47
CA TYR A 67 30.26 -7.76 10.44
C TYR A 67 30.10 -7.08 11.81
N PRO A 68 28.98 -7.27 12.52
CA PRO A 68 28.81 -6.65 13.83
C PRO A 68 29.88 -7.14 14.79
N PRO A 69 29.94 -6.63 16.04
CA PRO A 69 30.95 -7.06 17.03
C PRO A 69 30.88 -8.56 17.34
N ALA A 70 31.92 -9.04 18.06
CA ALA A 70 32.12 -10.47 18.50
C ALA A 70 31.31 -10.75 19.78
N LEU A 71 31.02 -12.03 20.02
CA LEU A 71 30.09 -12.46 21.11
C LEU A 71 30.72 -12.62 22.53
N GLU A 72 31.99 -12.34 22.72
CA GLU A 72 32.60 -12.40 24.08
C GLU A 72 32.74 -10.96 24.60
N TYR A 73 32.41 -10.06 23.69
CA TYR A 73 32.44 -8.61 23.84
C TYR A 73 31.04 -8.09 24.20
N GLY A 74 30.17 -9.03 24.46
CA GLY A 74 28.80 -8.93 24.81
C GLY A 74 28.26 -7.74 25.56
N LEU A 75 27.98 -6.68 24.82
CA LEU A 75 27.43 -5.40 25.22
C LEU A 75 28.41 -4.22 25.25
N GLY A 76 29.69 -4.47 25.31
CA GLY A 76 30.68 -3.39 25.34
C GLY A 76 30.88 -2.80 23.94
N GLY A 77 31.74 -1.80 23.88
CA GLY A 77 32.15 -1.16 22.62
C GLY A 77 33.52 -1.77 22.24
N ALA A 78 33.53 -2.46 21.13
CA ALA A 78 34.74 -3.11 20.59
C ALA A 78 35.55 -2.06 19.84
N PRO A 79 36.76 -2.41 19.47
CA PRO A 79 37.65 -1.49 18.74
C PRO A 79 37.02 -1.03 17.44
N LEU A 80 37.46 -1.59 16.31
CA LEU A 80 36.90 -1.15 15.02
C LEU A 80 36.87 -2.23 13.96
N ALA A 81 37.96 -2.29 13.22
CA ALA A 81 38.18 -3.24 12.13
C ALA A 81 37.58 -4.60 12.49
N LYS A 82 37.50 -4.87 13.78
CA LYS A 82 36.99 -6.15 14.29
C LYS A 82 35.46 -6.11 14.56
N GLY A 83 34.76 -5.23 13.85
CA GLY A 83 33.28 -5.19 13.89
C GLY A 83 32.69 -4.06 14.76
N GLY A 84 33.50 -3.11 15.16
CA GLY A 84 33.03 -1.99 15.98
C GLY A 84 32.31 -0.94 15.10
N LEU A 85 32.63 -1.03 13.83
CA LEU A 85 32.13 -0.10 12.80
C LEU A 85 30.62 -0.24 12.57
N TRP A 86 30.06 -1.32 13.09
CA TRP A 86 28.62 -1.60 13.00
C TRP A 86 27.91 -0.73 14.02
N GLN A 87 28.60 -0.48 15.08
CA GLN A 87 28.09 0.32 16.18
C GLN A 87 28.07 1.75 15.84
N ILE A 88 29.06 2.09 15.12
CA ILE A 88 29.19 3.42 14.74
C ILE A 88 28.33 3.69 13.51
N ILE A 89 28.32 2.77 12.56
CA ILE A 89 27.52 2.97 11.35
C ILE A 89 26.01 2.92 11.70
N THR A 90 25.64 2.01 12.60
CA THR A 90 24.21 1.82 12.98
C THR A 90 23.67 2.92 13.89
N ILE A 91 24.53 3.63 14.59
CA ILE A 91 24.03 4.74 15.44
C ILE A 91 23.52 5.86 14.54
N CYS A 92 24.27 6.08 13.48
CA CYS A 92 24.00 7.13 12.48
C CYS A 92 22.84 6.73 11.57
N ALA A 93 22.67 5.43 11.43
CA ALA A 93 21.59 4.87 10.62
C ALA A 93 20.25 5.32 11.20
N THR A 94 20.08 5.00 12.46
CA THR A 94 18.86 5.32 13.23
C THR A 94 18.58 6.82 13.17
N GLY A 95 19.61 7.60 13.39
CA GLY A 95 19.51 9.06 13.34
C GLY A 95 19.18 9.49 11.92
N ALA A 96 19.89 8.87 11.01
CA ALA A 96 19.77 9.13 9.57
C ALA A 96 18.31 9.06 9.11
N PHE A 97 17.66 7.96 9.49
CA PHE A 97 16.28 7.64 9.06
C PHE A 97 15.18 8.39 9.84
N VAL A 98 15.18 8.27 11.16
CA VAL A 98 14.14 8.92 11.99
C VAL A 98 14.07 10.40 11.67
N SER A 99 15.23 11.01 11.57
CA SER A 99 15.33 12.43 11.23
C SER A 99 14.64 12.66 9.88
N TRP A 100 14.87 11.73 8.97
CA TRP A 100 14.22 11.76 7.66
C TRP A 100 12.72 11.86 7.90
N ALA A 101 12.28 11.09 8.88
CA ALA A 101 10.88 11.02 9.31
C ALA A 101 10.39 12.40 9.78
N LEU A 102 11.07 12.95 10.76
CA LEU A 102 10.71 14.26 11.30
C LEU A 102 10.71 15.31 10.17
N ARG A 103 11.73 15.20 9.33
CA ARG A 103 11.91 16.10 8.18
C ARG A 103 10.58 16.24 7.42
N GLU A 104 9.83 15.15 7.40
CA GLU A 104 8.54 14.98 6.77
C GLU A 104 7.40 15.69 7.51
N VAL A 105 7.50 15.63 8.82
CA VAL A 105 6.49 16.27 9.70
C VAL A 105 6.41 17.79 9.29
N GLU A 106 7.58 18.35 8.88
CA GLU A 106 7.71 19.79 8.44
C GLU A 106 7.00 20.01 7.17
N ILE A 107 7.41 19.21 6.23
CA ILE A 107 6.85 19.26 4.92
C ILE A 107 5.35 19.24 4.97
N CYS A 108 4.83 18.56 5.92
CA CYS A 108 3.40 18.43 6.00
C CYS A 108 2.78 19.44 6.93
N ARG A 109 3.43 20.57 7.02
CA ARG A 109 2.94 21.66 7.87
C ARG A 109 2.48 22.86 7.03
N LYS A 110 3.21 23.15 5.97
CA LYS A 110 2.87 24.28 5.08
C LYS A 110 1.83 23.85 4.08
N LEU A 111 1.90 22.60 3.73
CA LEU A 111 0.89 22.00 2.88
C LEU A 111 -0.30 21.81 3.79
N GLY A 112 0.08 21.71 5.07
CA GLY A 112 -0.85 21.47 6.18
C GLY A 112 -1.63 20.20 5.83
N ILE A 113 -0.87 19.12 5.64
CA ILE A 113 -1.44 17.81 5.29
C ILE A 113 -1.22 16.83 6.44
N GLY A 114 -1.80 15.66 6.24
CA GLY A 114 -1.74 14.55 7.20
C GLY A 114 -0.36 14.42 7.84
N TYR A 115 -0.43 13.89 9.04
CA TYR A 115 0.73 13.56 9.90
C TYR A 115 0.96 12.05 9.74
N HIS A 116 0.13 11.53 8.86
CA HIS A 116 0.03 10.10 8.57
C HIS A 116 1.32 9.46 8.08
N ILE A 117 1.71 9.85 6.89
CA ILE A 117 2.87 9.28 6.21
C ILE A 117 4.08 9.03 7.12
N PRO A 118 4.41 10.04 7.89
CA PRO A 118 5.55 9.92 8.82
C PRO A 118 5.30 8.81 9.82
N PHE A 119 4.18 8.90 10.49
CA PHE A 119 3.79 7.90 11.52
C PHE A 119 3.88 6.46 10.94
N ALA A 120 3.54 6.32 9.67
CA ALA A 120 3.59 4.99 8.98
C ALA A 120 5.03 4.48 8.92
N PHE A 121 5.92 5.36 8.63
CA PHE A 121 7.36 5.21 8.51
C PHE A 121 8.06 4.63 9.74
N ALA A 122 7.61 5.00 10.91
CA ALA A 122 8.17 4.53 12.19
C ALA A 122 7.93 3.07 12.42
N PHE A 123 6.70 2.63 12.31
CA PHE A 123 6.47 1.21 12.50
C PHE A 123 7.58 0.46 11.75
N ALA A 124 8.01 1.10 10.66
CA ALA A 124 9.06 0.58 9.76
C ALA A 124 10.43 0.54 10.47
N ILE A 125 10.76 1.63 11.14
CA ILE A 125 12.03 1.73 11.89
C ILE A 125 12.03 0.73 13.06
N LEU A 126 10.89 0.66 13.73
CA LEU A 126 10.69 -0.22 14.90
C LEU A 126 11.37 -1.58 14.64
N ALA A 127 10.92 -2.23 13.58
CA ALA A 127 11.46 -3.53 13.15
C ALA A 127 12.99 -3.46 13.21
N TYR A 128 13.54 -2.50 12.48
CA TYR A 128 14.97 -2.28 12.40
C TYR A 128 15.70 -2.57 13.70
N LEU A 129 15.30 -1.86 14.73
CA LEU A 129 15.94 -1.96 16.05
C LEU A 129 15.71 -3.34 16.68
N THR A 130 14.46 -3.78 16.74
CA THR A 130 14.14 -5.08 17.36
C THR A 130 15.05 -6.17 16.81
N LEU A 131 15.49 -5.99 15.57
CA LEU A 131 16.35 -6.97 14.88
C LEU A 131 17.84 -6.77 15.21
N VAL A 132 18.17 -5.53 15.48
CA VAL A 132 19.56 -5.08 15.67
C VAL A 132 19.92 -4.74 17.11
N LEU A 133 19.06 -3.99 17.79
CA LEU A 133 19.27 -3.52 19.15
C LEU A 133 18.63 -4.44 20.19
N PHE A 134 17.34 -4.25 20.33
CA PHE A 134 16.45 -4.94 21.24
C PHE A 134 16.71 -6.43 21.33
N ARG A 135 16.47 -7.18 20.26
CA ARG A 135 16.70 -8.65 20.31
C ARG A 135 18.10 -8.91 20.89
N PRO A 136 19.08 -8.38 20.18
CA PRO A 136 20.48 -8.55 20.59
C PRO A 136 20.63 -8.14 22.04
N VAL A 137 19.92 -7.10 22.43
CA VAL A 137 19.94 -6.55 23.78
C VAL A 137 19.43 -7.53 24.84
N MET A 138 18.24 -8.07 24.64
CA MET A 138 17.67 -8.98 25.66
C MET A 138 18.30 -10.36 25.61
N MET A 139 19.21 -10.55 24.67
CA MET A 139 19.92 -11.82 24.49
C MET A 139 21.38 -11.77 24.94
N GLY A 140 22.07 -10.65 24.72
CA GLY A 140 23.47 -10.59 25.18
C GLY A 140 24.31 -9.47 24.54
N ALA A 141 24.69 -9.68 23.30
CA ALA A 141 25.60 -8.74 22.62
C ALA A 141 25.11 -8.29 21.24
N TRP A 142 25.68 -7.18 20.82
CA TRP A 142 25.43 -6.62 19.49
C TRP A 142 25.99 -7.61 18.47
N GLY A 143 25.63 -8.87 18.74
CA GLY A 143 26.13 -10.02 17.99
C GLY A 143 25.04 -10.90 17.40
N TYR A 144 23.82 -10.84 17.90
CA TYR A 144 22.71 -11.63 17.38
C TYR A 144 21.86 -10.78 16.42
N ALA A 145 22.56 -9.89 15.76
CA ALA A 145 22.11 -8.92 14.76
C ALA A 145 22.76 -9.32 13.44
N PHE A 146 22.45 -8.64 12.36
CA PHE A 146 22.99 -9.00 11.05
C PHE A 146 24.09 -8.13 10.56
N PRO A 147 24.97 -8.75 9.78
CA PRO A 147 26.03 -8.03 9.17
C PRO A 147 25.38 -7.02 8.29
N TYR A 148 26.16 -6.12 7.80
CA TYR A 148 25.67 -5.12 6.85
C TYR A 148 26.36 -5.37 5.52
N GLY A 149 25.74 -6.20 4.70
CA GLY A 149 26.28 -6.57 3.37
C GLY A 149 25.14 -7.05 2.45
N ILE A 150 25.36 -6.89 1.15
CA ILE A 150 24.35 -7.23 0.11
C ILE A 150 24.08 -8.71 0.05
N TRP A 151 25.08 -9.47 -0.31
CA TRP A 151 25.06 -10.92 -0.44
C TRP A 151 25.56 -11.67 0.80
N THR A 152 25.66 -10.99 1.94
CA THR A 152 26.18 -11.65 3.16
C THR A 152 25.09 -11.82 4.23
N HIS A 153 24.47 -10.72 4.61
CA HIS A 153 23.47 -10.74 5.68
C HIS A 153 22.28 -11.64 5.29
N LEU A 154 22.49 -12.39 4.22
CA LEU A 154 21.47 -13.35 3.75
C LEU A 154 21.82 -14.75 4.28
N ASP A 155 22.93 -14.75 5.02
CA ASP A 155 23.48 -15.94 5.69
C ASP A 155 22.96 -15.94 7.14
N TRP A 156 22.55 -14.78 7.61
CA TRP A 156 22.02 -14.50 8.95
C TRP A 156 20.60 -14.95 9.12
N VAL A 157 19.92 -14.92 8.04
CA VAL A 157 18.53 -15.28 7.96
C VAL A 157 18.41 -16.83 7.99
N SER A 158 19.21 -17.46 7.13
CA SER A 158 19.28 -18.95 7.00
C SER A 158 19.70 -19.57 8.36
N ASN A 159 20.96 -19.30 8.68
CA ASN A 159 21.67 -19.77 9.90
C ASN A 159 20.83 -19.60 11.18
N THR A 160 20.35 -18.39 11.38
CA THR A 160 19.54 -18.04 12.57
C THR A 160 18.19 -18.76 12.50
N GLY A 161 17.51 -18.66 11.38
CA GLY A 161 16.20 -19.33 11.23
C GLY A 161 16.34 -20.84 11.54
N TYR A 162 17.06 -21.50 10.65
CA TYR A 162 17.38 -22.92 10.68
C TYR A 162 17.76 -23.31 12.10
N THR A 163 18.44 -22.37 12.76
CA THR A 163 18.88 -22.58 14.13
C THR A 163 17.78 -23.43 14.81
N TYR A 164 16.63 -22.80 14.72
CA TYR A 164 15.38 -23.28 15.29
C TYR A 164 14.73 -24.43 14.58
N GLY A 165 15.21 -24.83 13.42
CA GLY A 165 14.59 -25.97 12.71
C GLY A 165 13.86 -25.54 11.46
N ASN A 166 12.58 -25.19 11.61
CA ASN A 166 11.79 -24.71 10.46
C ASN A 166 10.98 -23.51 10.94
N PHE A 167 11.63 -22.36 10.99
CA PHE A 167 11.04 -21.08 11.45
C PHE A 167 9.57 -21.01 11.04
N HIS A 168 9.31 -21.61 9.89
CA HIS A 168 7.99 -21.71 9.29
C HIS A 168 6.95 -22.07 10.35
N TYR A 169 7.45 -22.80 11.33
CA TYR A 169 6.73 -23.33 12.48
C TYR A 169 6.72 -22.31 13.62
N ASN A 170 6.82 -21.05 13.23
CA ASN A 170 6.80 -19.95 14.20
C ASN A 170 5.40 -19.38 14.31
N PRO A 171 5.01 -18.97 15.51
CA PRO A 171 3.70 -18.40 15.73
C PRO A 171 3.51 -17.21 14.84
N ALA A 172 4.22 -16.14 15.17
CA ALA A 172 4.11 -14.84 14.48
C ALA A 172 4.63 -14.90 13.03
N HIS A 173 5.87 -15.37 12.83
CA HIS A 173 6.44 -15.46 11.46
C HIS A 173 5.36 -15.78 10.51
N MET A 174 4.79 -16.88 10.88
CA MET A 174 3.71 -17.50 10.17
C MET A 174 2.65 -16.46 9.85
N ILE A 175 2.36 -15.70 10.87
CA ILE A 175 1.36 -14.64 10.81
C ILE A 175 1.80 -13.58 9.79
N ALA A 176 2.87 -12.90 10.13
CA ALA A 176 3.45 -11.85 9.29
C ALA A 176 3.52 -12.29 7.84
N ILE A 177 3.48 -13.59 7.64
CA ILE A 177 3.51 -14.13 6.28
C ILE A 177 2.16 -13.87 5.61
N SER A 178 1.16 -14.48 6.20
CA SER A 178 -0.22 -14.33 5.71
C SER A 178 -0.49 -12.86 5.43
N PHE A 179 -0.15 -12.06 6.43
CA PHE A 179 -0.32 -10.61 6.38
C PHE A 179 0.36 -10.03 5.12
N PHE A 180 1.64 -10.38 4.95
CA PHE A 180 2.45 -9.84 3.82
C PHE A 180 1.77 -10.12 2.45
N PHE A 181 1.40 -11.38 2.22
CA PHE A 181 0.80 -11.86 0.95
C PHE A 181 -0.54 -11.20 0.60
N THR A 182 -1.34 -11.00 1.63
CA THR A 182 -2.67 -10.38 1.47
C THR A 182 -2.51 -9.01 0.79
N ASN A 183 -1.93 -8.10 1.54
CA ASN A 183 -1.67 -6.72 1.09
C ASN A 183 -0.79 -6.75 -0.16
N ALA A 184 -0.09 -7.85 -0.30
CA ALA A 184 0.74 -8.06 -1.48
C ALA A 184 -0.19 -8.11 -2.69
N LEU A 185 -1.22 -8.93 -2.54
CA LEU A 185 -2.26 -9.15 -3.56
C LEU A 185 -3.13 -7.91 -3.76
N ALA A 186 -3.69 -7.60 -2.61
CA ALA A 186 -4.67 -6.55 -2.31
C ALA A 186 -4.43 -5.22 -3.02
N LEU A 187 -3.19 -4.81 -3.16
CA LEU A 187 -2.93 -3.51 -3.81
C LEU A 187 -3.12 -3.62 -5.31
N ALA A 188 -2.83 -4.81 -5.78
CA ALA A 188 -2.94 -5.14 -7.19
C ALA A 188 -4.39 -5.08 -7.62
N LEU A 189 -5.23 -5.36 -6.63
CA LEU A 189 -6.67 -5.32 -6.81
C LEU A 189 -7.15 -3.87 -6.78
N HIS A 190 -6.87 -3.09 -5.75
CA HIS A 190 -7.30 -1.67 -5.84
C HIS A 190 -6.46 -0.98 -6.93
N GLY A 191 -5.27 -1.52 -7.08
CA GLY A 191 -4.25 -1.03 -8.03
C GLY A 191 -4.72 -1.21 -9.48
N ALA A 192 -5.05 -2.45 -9.81
CA ALA A 192 -5.51 -2.81 -11.16
C ALA A 192 -6.95 -2.33 -11.36
N LEU A 193 -7.65 -2.18 -10.24
CA LEU A 193 -9.07 -1.78 -10.25
C LEU A 193 -9.27 -0.31 -10.71
N VAL A 194 -8.54 0.63 -10.13
CA VAL A 194 -8.73 2.08 -10.45
C VAL A 194 -8.40 2.39 -11.93
N LEU A 195 -7.16 2.15 -12.32
CA LEU A 195 -6.77 2.41 -13.72
C LEU A 195 -8.02 2.16 -14.62
N SER A 196 -8.66 1.00 -14.32
CA SER A 196 -9.85 0.37 -15.04
C SER A 196 -11.17 1.17 -14.99
N ALA A 197 -11.36 1.90 -13.92
CA ALA A 197 -12.56 2.74 -13.76
C ALA A 197 -12.33 4.07 -14.45
N ALA A 198 -11.05 4.35 -14.66
CA ALA A 198 -10.61 5.62 -15.24
C ALA A 198 -10.04 5.45 -16.64
N ASN A 199 -10.01 4.24 -17.14
CA ASN A 199 -9.47 3.97 -18.51
C ASN A 199 -10.03 2.63 -18.97
N PRO A 200 -11.34 2.61 -19.24
CA PRO A 200 -12.04 1.42 -19.66
C PRO A 200 -11.49 0.85 -20.95
N GLU A 201 -12.42 0.76 -21.90
CA GLU A 201 -12.22 0.21 -23.26
C GLU A 201 -11.47 1.21 -24.16
N LYS A 202 -11.87 1.30 -25.41
CA LYS A 202 -11.23 2.25 -26.34
C LYS A 202 -12.26 2.83 -27.27
N GLY A 203 -13.16 3.57 -26.67
CA GLY A 203 -14.25 4.23 -27.37
C GLY A 203 -15.47 4.37 -26.45
N LYS A 204 -15.25 3.93 -25.23
CA LYS A 204 -16.22 3.97 -24.12
C LYS A 204 -15.70 5.02 -23.10
N GLU A 205 -16.65 5.78 -22.57
CA GLU A 205 -16.41 6.94 -21.66
C GLU A 205 -15.54 6.61 -20.42
N MET A 206 -15.61 7.50 -19.42
CA MET A 206 -14.87 7.35 -18.13
C MET A 206 -15.91 7.24 -16.98
N ARG A 207 -16.13 5.98 -16.63
CA ARG A 207 -17.11 5.50 -15.62
C ARG A 207 -16.96 6.20 -14.25
N THR A 208 -17.99 5.92 -13.41
CA THR A 208 -18.13 6.48 -12.03
C THR A 208 -17.82 5.41 -10.98
N PRO A 209 -17.48 5.88 -9.78
CA PRO A 209 -17.18 5.03 -8.66
C PRO A 209 -18.33 4.10 -8.30
N ASP A 210 -19.53 4.59 -8.56
CA ASP A 210 -20.77 3.84 -8.32
C ASP A 210 -20.60 2.41 -8.86
N HIS A 211 -19.72 2.30 -9.82
CA HIS A 211 -19.35 1.11 -10.58
C HIS A 211 -18.28 0.25 -9.89
N GLU A 212 -17.44 0.91 -9.12
CA GLU A 212 -16.35 0.26 -8.38
C GLU A 212 -16.95 -0.68 -7.33
N ASP A 213 -17.79 -0.07 -6.50
CA ASP A 213 -18.51 -0.74 -5.40
C ASP A 213 -19.46 -1.79 -6.01
N THR A 214 -20.14 -1.41 -7.09
CA THR A 214 -21.06 -2.30 -7.79
C THR A 214 -20.29 -3.52 -8.33
N PHE A 215 -19.25 -3.20 -9.08
CA PHE A 215 -18.39 -4.16 -9.78
C PHE A 215 -17.82 -5.28 -8.86
N PHE A 216 -17.32 -4.90 -7.68
CA PHE A 216 -16.70 -5.87 -6.74
C PHE A 216 -17.71 -6.53 -5.82
N ARG A 217 -18.56 -5.71 -5.22
CA ARG A 217 -19.61 -6.24 -4.35
C ARG A 217 -20.31 -7.35 -5.12
N ASP A 218 -20.37 -7.10 -6.41
CA ASP A 218 -20.96 -7.99 -7.40
C ASP A 218 -19.97 -9.06 -7.94
N LEU A 219 -19.10 -9.45 -7.02
CA LEU A 219 -17.97 -10.39 -7.20
C LEU A 219 -17.96 -11.47 -6.08
N VAL A 220 -17.46 -11.07 -4.90
CA VAL A 220 -17.37 -11.96 -3.71
C VAL A 220 -18.66 -11.91 -2.87
N GLY A 221 -19.26 -10.74 -2.87
CA GLY A 221 -20.49 -10.47 -2.12
C GLY A 221 -20.36 -9.13 -1.35
N TYR A 222 -19.11 -8.66 -1.23
CA TYR A 222 -18.76 -7.42 -0.46
C TYR A 222 -17.73 -6.53 -1.25
N SER A 223 -17.91 -5.20 -1.13
CA SER A 223 -17.00 -4.14 -1.73
C SER A 223 -16.90 -2.99 -0.71
N ILE A 224 -15.77 -2.97 -0.01
CA ILE A 224 -15.59 -2.11 1.18
C ILE A 224 -15.55 -0.59 0.93
N GLY A 225 -15.18 -0.12 -0.24
CA GLY A 225 -15.22 1.33 -0.50
C GLY A 225 -13.86 2.00 -0.35
N THR A 226 -13.80 3.11 -1.07
CA THR A 226 -12.65 4.00 -1.22
C THR A 226 -11.77 4.01 0.05
N LEU A 227 -12.16 4.84 1.00
CA LEU A 227 -11.49 4.99 2.31
C LEU A 227 -10.91 3.66 2.79
N GLY A 228 -11.74 2.65 2.60
CA GLY A 228 -11.53 1.26 2.93
C GLY A 228 -10.11 0.79 2.60
N ILE A 229 -9.94 0.55 1.30
CA ILE A 229 -8.67 0.09 0.73
C ILE A 229 -7.51 0.89 1.29
N HIS A 230 -7.75 2.17 1.48
CA HIS A 230 -6.71 3.10 1.95
C HIS A 230 -6.46 2.86 3.50
N ARG A 231 -7.50 2.56 4.33
CA ARG A 231 -7.31 2.21 5.80
C ARG A 231 -6.71 0.80 5.85
N LEU A 232 -7.20 0.01 4.90
CA LEU A 232 -6.80 -1.39 4.74
C LEU A 232 -5.29 -1.42 4.46
N GLY A 233 -5.01 -0.73 3.36
CA GLY A 233 -3.64 -0.59 2.87
C GLY A 233 -2.76 -0.37 4.10
N LEU A 234 -3.25 0.52 4.96
CA LEU A 234 -2.53 0.84 6.20
C LEU A 234 -2.27 -0.41 7.05
N LEU A 235 -3.35 -1.01 7.58
CA LEU A 235 -3.20 -2.20 8.41
C LEU A 235 -2.19 -3.20 7.83
N LEU A 236 -2.71 -4.05 6.97
CA LEU A 236 -1.95 -5.13 6.33
C LEU A 236 -0.38 -4.86 6.34
N SER A 237 0.19 -3.90 5.58
CA SER A 237 1.69 -3.66 5.61
C SER A 237 2.14 -3.32 7.04
N LEU A 238 1.34 -2.48 7.66
CA LEU A 238 1.56 -2.05 9.04
C LEU A 238 1.71 -3.28 9.95
N SER A 239 0.69 -4.12 9.89
CA SER A 239 0.60 -5.36 10.66
C SER A 239 1.76 -6.31 10.37
N ALA A 240 2.17 -6.37 9.12
CA ALA A 240 3.22 -7.26 8.62
C ALA A 240 4.47 -7.27 9.49
N VAL A 241 4.94 -6.06 9.77
CA VAL A 241 6.12 -5.80 10.58
C VAL A 241 5.71 -5.79 12.07
N PHE A 242 4.41 -5.64 12.30
CA PHE A 242 3.92 -5.66 13.70
C PHE A 242 3.93 -7.06 14.25
N PHE A 243 3.17 -7.95 13.66
CA PHE A 243 3.17 -9.32 14.17
C PHE A 243 4.53 -9.97 13.87
N SER A 244 5.24 -9.36 12.94
CA SER A 244 6.58 -9.83 12.53
C SER A 244 7.57 -9.64 13.66
N ALA A 245 7.71 -8.39 14.05
CA ALA A 245 8.61 -8.00 15.14
C ALA A 245 8.38 -8.90 16.35
N LEU A 246 7.12 -9.29 16.48
CA LEU A 246 6.61 -10.10 17.60
C LEU A 246 7.29 -11.50 17.73
N CYS A 247 7.54 -12.20 16.63
CA CYS A 247 8.11 -13.58 16.76
C CYS A 247 9.62 -13.61 16.97
N MET A 248 10.27 -12.69 16.38
CA MET A 248 11.71 -12.63 16.47
C MET A 248 12.16 -12.10 17.82
N ILE A 249 11.25 -11.83 18.70
CA ILE A 249 11.59 -11.32 20.06
C ILE A 249 11.21 -12.40 21.05
N ILE A 250 10.73 -13.47 20.43
CA ILE A 250 10.25 -14.68 21.11
C ILE A 250 11.22 -15.83 20.97
N THR A 251 12.17 -15.71 20.05
CA THR A 251 13.19 -16.73 19.78
C THR A 251 14.50 -16.31 20.46
N GLY A 252 14.93 -17.21 21.33
CA GLY A 252 16.15 -16.98 22.12
C GLY A 252 15.79 -16.49 23.52
N THR A 253 14.87 -15.55 23.63
CA THR A 253 14.46 -15.03 24.95
C THR A 253 13.40 -15.98 25.53
N ILE A 254 12.31 -16.02 24.76
CA ILE A 254 11.14 -16.81 25.10
C ILE A 254 11.30 -18.29 24.78
N TRP A 255 11.88 -18.60 23.64
CA TRP A 255 12.06 -19.93 23.11
C TRP A 255 13.48 -20.47 23.15
N PHE A 256 13.56 -21.79 23.31
CA PHE A 256 14.85 -22.49 23.36
C PHE A 256 15.25 -23.01 21.98
N ASP A 257 14.71 -24.19 21.67
CA ASP A 257 14.94 -24.90 20.40
C ASP A 257 13.62 -25.54 19.96
N GLN A 258 13.55 -25.88 18.70
CA GLN A 258 12.46 -26.53 18.01
C GLN A 258 11.13 -25.82 18.04
N TRP A 259 10.90 -25.02 17.00
CA TRP A 259 9.70 -24.25 16.79
C TRP A 259 8.43 -25.06 16.60
N VAL A 260 8.56 -26.25 16.04
CA VAL A 260 7.42 -27.15 15.78
C VAL A 260 6.76 -27.58 17.10
N ASP A 261 7.62 -28.08 17.97
CA ASP A 261 7.32 -28.57 19.32
C ASP A 261 6.39 -27.62 20.01
N TRP A 262 6.69 -26.36 19.87
CA TRP A 262 5.85 -25.34 20.46
C TRP A 262 4.40 -25.73 20.20
N TRP A 263 4.16 -25.98 18.93
CA TRP A 263 2.83 -26.35 18.42
C TRP A 263 2.36 -27.71 18.99
N GLN A 264 3.10 -28.26 19.95
CA GLN A 264 2.76 -29.61 20.51
C GLN A 264 2.03 -29.51 21.87
N TRP A 265 1.91 -28.31 22.38
CA TRP A 265 1.16 -28.07 23.63
C TRP A 265 -0.29 -28.42 23.35
N TRP A 266 -0.59 -28.17 22.09
CA TRP A 266 -1.91 -28.39 21.48
C TRP A 266 -2.10 -29.87 21.19
N VAL A 267 -1.04 -30.45 20.69
CA VAL A 267 -1.04 -31.85 20.28
C VAL A 267 -1.48 -32.76 21.44
N LYS A 268 -0.57 -32.96 22.38
CA LYS A 268 -0.76 -33.91 23.50
C LYS A 268 -1.30 -33.29 24.77
N LEU A 269 -2.50 -32.74 24.63
CA LEU A 269 -3.25 -32.12 25.72
C LEU A 269 -4.16 -33.24 26.27
N PRO A 270 -4.29 -33.21 27.58
CA PRO A 270 -5.12 -34.17 28.33
C PRO A 270 -6.55 -34.14 27.80
N TRP A 271 -7.11 -35.28 27.47
CA TRP A 271 -8.44 -35.49 26.89
C TRP A 271 -8.25 -35.93 25.41
N TRP A 272 -7.03 -35.73 24.95
CA TRP A 272 -6.53 -36.05 23.61
C TRP A 272 -7.52 -35.58 22.54
N ALA A 273 -7.03 -34.56 21.85
CA ALA A 273 -7.77 -33.85 20.78
C ALA A 273 -8.66 -32.75 21.33
N ASN A 274 -8.70 -32.87 22.63
CA ASN A 274 -9.47 -32.10 23.60
C ASN A 274 -10.88 -31.90 23.14
N ILE A 275 -11.71 -32.72 23.73
CA ILE A 275 -13.11 -32.67 23.50
C ILE A 275 -13.61 -33.77 22.56
N PRO A 276 -13.16 -35.03 22.63
CA PRO A 276 -13.78 -36.01 21.79
C PRO A 276 -15.23 -35.99 22.20
N GLY A 277 -16.04 -36.81 21.59
CA GLY A 277 -17.46 -36.88 21.96
C GLY A 277 -17.74 -38.26 22.54
N GLY A 278 -18.91 -38.32 23.16
CA GLY A 278 -19.47 -39.48 23.83
C GLY A 278 -20.99 -39.36 23.99
N ALA B 1 -7.30 16.84 15.05
CA ALA B 1 -8.02 16.53 13.81
C ALA B 1 -7.90 15.04 13.49
N GLU B 2 -8.57 14.73 12.39
CA GLU B 2 -8.64 13.39 11.80
C GLU B 2 -9.68 12.56 12.51
N TYR B 3 -9.49 11.26 12.50
CA TYR B 3 -10.43 10.32 13.13
C TYR B 3 -11.65 10.15 12.22
N GLN B 4 -11.55 10.76 11.03
CA GLN B 4 -12.54 10.58 9.95
C GLN B 4 -11.89 9.62 8.95
N ASN B 5 -10.73 9.21 9.42
CA ASN B 5 -9.86 8.20 8.80
C ASN B 5 -9.54 7.22 9.92
N ILE B 6 -10.20 6.07 9.85
CA ILE B 6 -10.11 5.05 10.89
C ILE B 6 -11.07 5.50 12.00
N PHE B 7 -11.89 4.60 12.51
CA PHE B 7 -12.84 4.96 13.60
C PHE B 7 -14.12 5.55 12.99
N SER B 8 -13.96 6.45 12.05
CA SER B 8 -15.16 7.05 11.40
C SER B 8 -15.95 7.95 12.32
N GLN B 9 -16.51 7.47 13.43
CA GLN B 9 -17.27 8.33 14.34
C GLN B 9 -18.78 8.42 14.10
N VAL B 10 -19.15 8.68 12.88
CA VAL B 10 -20.55 8.80 12.43
C VAL B 10 -20.89 7.65 11.48
N GLN B 11 -22.14 7.62 11.05
CA GLN B 11 -22.63 6.60 10.13
C GLN B 11 -23.98 6.99 9.51
N VAL B 12 -24.00 6.95 8.19
CA VAL B 12 -25.20 7.28 7.40
C VAL B 12 -25.64 6.03 6.65
N ARG B 13 -26.95 5.88 6.50
CA ARG B 13 -27.61 4.74 5.85
C ARG B 13 -28.73 5.18 4.92
N GLY B 14 -29.62 4.24 4.67
CA GLY B 14 -30.80 4.36 3.84
C GLY B 14 -30.94 3.28 2.78
N PRO B 15 -31.34 3.75 1.62
CA PRO B 15 -31.53 2.91 0.44
C PRO B 15 -30.21 2.25 0.06
N ALA B 16 -30.33 1.37 -0.91
CA ALA B 16 -29.15 0.64 -1.41
C ALA B 16 -29.06 0.85 -2.92
N ASP B 17 -27.84 1.07 -3.36
CA ASP B 17 -27.51 1.33 -4.76
C ASP B 17 -27.33 -0.01 -5.47
N LEU B 18 -27.20 0.10 -6.77
CA LEU B 18 -26.98 -0.97 -7.73
C LEU B 18 -26.90 -0.36 -9.14
N GLY B 19 -25.88 -0.74 -9.88
CA GLY B 19 -25.54 -0.34 -11.22
C GLY B 19 -26.20 -1.25 -12.28
N MET B 20 -26.05 -0.80 -13.51
CA MET B 20 -26.59 -1.42 -14.72
C MET B 20 -26.55 -2.94 -14.67
N THR B 21 -25.60 -3.51 -15.36
CA THR B 21 -25.31 -4.91 -15.52
C THR B 21 -25.79 -5.38 -16.91
N GLU B 22 -25.02 -4.96 -17.90
CA GLU B 22 -25.34 -5.37 -19.28
C GLU B 22 -26.04 -6.73 -19.26
N ASP B 23 -25.40 -7.71 -18.64
CA ASP B 23 -25.97 -9.06 -18.63
C ASP B 23 -26.62 -9.43 -17.29
N VAL B 24 -27.91 -9.29 -17.41
CA VAL B 24 -28.99 -9.61 -16.44
C VAL B 24 -28.66 -9.42 -14.96
N ASN B 25 -29.79 -9.28 -14.27
CA ASN B 25 -29.90 -9.11 -12.82
C ASN B 25 -30.45 -10.41 -12.24
N LEU B 26 -30.88 -11.27 -13.14
CA LEU B 26 -31.48 -12.56 -12.83
C LEU B 26 -30.87 -13.13 -11.54
N ALA B 27 -29.62 -13.52 -11.75
CA ALA B 27 -28.79 -14.11 -10.69
C ALA B 27 -28.50 -13.07 -9.61
N ASN B 28 -28.26 -11.87 -10.09
CA ASN B 28 -27.95 -10.71 -9.24
C ASN B 28 -29.07 -10.49 -8.22
N ARG B 29 -29.12 -9.29 -7.68
CA ARG B 29 -30.13 -8.89 -6.68
C ARG B 29 -29.80 -9.60 -5.36
N SER B 30 -29.84 -10.91 -5.49
CA SER B 30 -29.56 -11.86 -4.42
C SER B 30 -30.03 -11.34 -3.06
N GLY B 31 -29.52 -12.01 -2.05
CA GLY B 31 -29.73 -11.81 -0.63
C GLY B 31 -29.89 -10.37 -0.19
N VAL B 32 -30.80 -10.24 0.75
CA VAL B 32 -31.27 -9.06 1.45
C VAL B 32 -30.29 -7.91 1.51
N GLY B 33 -29.10 -8.17 1.98
CA GLY B 33 -27.99 -7.20 2.14
C GLY B 33 -28.03 -6.59 3.55
N PRO B 34 -28.04 -7.46 4.56
CA PRO B 34 -28.12 -7.09 5.96
C PRO B 34 -26.93 -6.27 6.42
N PHE B 35 -27.15 -4.98 6.57
CA PHE B 35 -26.07 -4.06 6.99
C PHE B 35 -25.44 -4.61 8.27
N SER B 36 -24.23 -4.11 8.46
CA SER B 36 -23.30 -4.45 9.56
C SER B 36 -22.89 -3.15 10.27
N THR B 37 -23.21 -3.09 11.55
CA THR B 37 -22.95 -2.00 12.47
C THR B 37 -21.51 -1.51 12.52
N LEU B 38 -20.74 -2.26 13.28
CA LEU B 38 -19.33 -2.01 13.57
C LEU B 38 -18.48 -2.37 12.35
N LEU B 39 -19.19 -2.70 11.27
CA LEU B 39 -18.48 -3.02 10.02
C LEU B 39 -18.32 -1.71 9.22
N GLY B 40 -19.33 -0.88 9.44
CA GLY B 40 -19.47 0.44 8.83
C GLY B 40 -18.57 1.48 9.48
N TRP B 41 -17.88 1.08 10.53
CA TRP B 41 -16.95 1.97 11.25
C TRP B 41 -15.62 2.00 10.49
N PHE B 42 -15.17 0.82 10.10
CA PHE B 42 -13.91 0.62 9.38
C PHE B 42 -14.11 0.66 7.86
N GLY B 43 -15.24 0.16 7.43
CA GLY B 43 -15.50 0.14 5.97
C GLY B 43 -16.97 0.53 5.76
N ASN B 44 -17.48 0.06 4.64
CA ASN B 44 -18.92 0.31 4.32
C ASN B 44 -19.70 -0.62 5.24
N ALA B 45 -21.01 -0.70 5.11
CA ALA B 45 -21.83 -1.57 5.96
C ALA B 45 -22.46 -2.72 5.18
N GLN B 46 -23.15 -2.36 4.13
CA GLN B 46 -23.89 -3.24 3.23
C GLN B 46 -23.19 -4.54 2.84
N LEU B 47 -23.86 -5.63 3.18
CA LEU B 47 -23.32 -6.98 2.82
C LEU B 47 -24.24 -7.52 1.73
N GLY B 48 -23.76 -7.41 0.51
CA GLY B 48 -24.59 -7.86 -0.67
C GLY B 48 -24.98 -6.52 -1.28
N PRO B 49 -25.35 -6.33 -2.54
CA PRO B 49 -25.63 -7.39 -3.53
C PRO B 49 -24.52 -8.36 -3.82
N ILE B 50 -24.93 -9.47 -4.44
CA ILE B 50 -23.99 -10.50 -4.93
C ILE B 50 -24.56 -11.25 -6.14
N TYR B 51 -23.64 -11.49 -7.06
CA TYR B 51 -23.93 -12.24 -8.29
C TYR B 51 -24.04 -13.74 -7.92
N LEU B 52 -24.42 -14.49 -8.90
CA LEU B 52 -24.64 -15.95 -8.85
C LEU B 52 -24.69 -16.39 -10.32
N GLY B 53 -23.58 -16.05 -10.99
CA GLY B 53 -23.36 -16.25 -12.44
C GLY B 53 -22.95 -17.68 -12.80
N SER B 54 -22.85 -17.84 -14.11
CA SER B 54 -22.53 -19.09 -14.82
C SER B 54 -21.23 -19.70 -14.29
N LEU B 55 -20.11 -19.19 -14.81
CA LEU B 55 -18.77 -19.66 -14.42
C LEU B 55 -18.60 -19.61 -12.90
N GLY B 56 -19.42 -18.79 -12.29
CA GLY B 56 -19.39 -18.52 -10.85
C GLY B 56 -19.74 -19.75 -10.00
N VAL B 57 -20.45 -20.70 -10.61
CA VAL B 57 -20.94 -21.92 -9.91
C VAL B 57 -20.01 -23.13 -10.04
N LEU B 58 -19.48 -23.34 -11.23
CA LEU B 58 -18.56 -24.46 -11.49
C LEU B 58 -17.37 -24.34 -10.53
N SER B 59 -16.94 -23.11 -10.27
CA SER B 59 -15.79 -22.85 -9.36
C SER B 59 -16.11 -23.40 -7.97
N LEU B 60 -17.41 -23.52 -7.75
CA LEU B 60 -17.97 -24.05 -6.48
C LEU B 60 -18.06 -25.65 -6.59
N PHE B 61 -18.69 -26.18 -7.69
CA PHE B 61 -18.77 -27.67 -8.04
C PHE B 61 -17.43 -28.28 -7.95
N SER B 62 -16.54 -27.54 -8.46
CA SER B 62 -15.18 -27.92 -8.53
C SER B 62 -14.52 -27.67 -7.22
N GLY B 63 -14.39 -26.42 -6.96
CA GLY B 63 -13.75 -26.00 -5.76
C GLY B 63 -14.16 -26.90 -4.61
N LEU B 64 -15.45 -27.09 -4.43
CA LEU B 64 -15.95 -27.96 -3.35
C LEU B 64 -15.34 -29.37 -3.47
N MET B 65 -15.72 -30.03 -4.56
CA MET B 65 -15.32 -31.39 -4.93
C MET B 65 -13.86 -31.66 -4.54
N TRP B 66 -13.10 -30.61 -4.68
CA TRP B 66 -11.67 -30.54 -4.41
C TRP B 66 -11.40 -30.65 -2.90
N PHE B 67 -11.75 -29.59 -2.21
CA PHE B 67 -11.59 -29.46 -0.75
C PHE B 67 -11.65 -30.86 -0.10
N PHE B 68 -12.71 -31.54 -0.48
CA PHE B 68 -13.16 -32.87 -0.06
C PHE B 68 -12.16 -33.98 -0.32
N THR B 69 -11.97 -34.26 -1.58
CA THR B 69 -11.04 -35.28 -2.08
C THR B 69 -9.79 -35.33 -1.21
N ILE B 70 -9.51 -34.19 -0.60
CA ILE B 70 -8.38 -33.98 0.30
C ILE B 70 -8.69 -34.49 1.71
N GLY B 71 -9.75 -33.91 2.24
CA GLY B 71 -10.25 -34.21 3.59
C GLY B 71 -10.67 -35.68 3.68
N ILE B 72 -11.13 -36.15 2.53
CA ILE B 72 -11.55 -37.55 2.38
C ILE B 72 -10.23 -38.33 2.24
N TRP B 73 -9.30 -37.70 1.55
CA TRP B 73 -7.98 -38.33 1.37
C TRP B 73 -7.15 -38.28 2.64
N PHE B 74 -7.38 -37.35 3.54
CA PHE B 74 -6.67 -37.52 4.81
C PHE B 74 -7.70 -38.09 5.78
N TRP B 75 -7.91 -39.36 5.43
CA TRP B 75 -8.77 -40.36 6.09
C TRP B 75 -7.86 -41.59 6.41
N TYR B 76 -7.37 -42.18 5.33
CA TYR B 76 -6.52 -43.40 5.33
C TYR B 76 -5.43 -43.32 6.38
N GLN B 77 -4.94 -42.13 6.60
CA GLN B 77 -3.95 -41.88 7.64
C GLN B 77 -4.65 -41.09 8.75
N ALA B 78 -5.78 -41.64 9.18
CA ALA B 78 -6.63 -40.98 10.19
C ALA B 78 -7.37 -41.96 11.13
N GLY B 79 -7.95 -43.02 10.58
CA GLY B 79 -8.72 -43.97 11.42
C GLY B 79 -10.16 -43.47 11.57
N TRP B 80 -10.27 -42.14 11.49
CA TRP B 80 -11.56 -41.43 11.49
C TRP B 80 -11.97 -40.83 12.85
N ASN B 81 -13.03 -40.05 12.71
CA ASN B 81 -13.78 -39.41 13.80
C ASN B 81 -13.05 -38.16 14.35
N PRO B 82 -13.80 -37.34 15.11
CA PRO B 82 -13.37 -36.00 15.60
C PRO B 82 -12.04 -35.93 16.36
N ALA B 83 -11.90 -36.58 17.50
CA ALA B 83 -10.62 -36.47 18.28
C ALA B 83 -9.40 -36.43 17.33
N VAL B 84 -9.28 -37.47 16.52
CA VAL B 84 -8.17 -37.62 15.53
C VAL B 84 -8.12 -36.36 14.66
N PHE B 85 -9.09 -36.20 13.78
CA PHE B 85 -9.24 -35.08 12.85
C PHE B 85 -9.03 -33.70 13.48
N LEU B 86 -9.16 -33.64 14.78
CA LEU B 86 -9.03 -32.44 15.60
C LEU B 86 -7.69 -32.34 16.34
N ARG B 87 -6.96 -33.43 16.26
CA ARG B 87 -5.64 -33.59 16.89
C ARG B 87 -4.56 -33.00 16.00
N ASP B 88 -4.54 -33.47 14.79
CA ASP B 88 -3.57 -33.03 13.80
C ASP B 88 -4.16 -31.91 12.96
N LEU B 89 -4.82 -32.32 11.91
CA LEU B 89 -5.42 -31.38 10.98
C LEU B 89 -4.26 -30.73 10.22
N PHE B 90 -3.54 -29.88 10.93
CA PHE B 90 -2.38 -29.15 10.36
C PHE B 90 -1.33 -30.15 9.81
N PHE B 91 -1.31 -31.36 10.38
CA PHE B 91 -0.32 -32.42 10.00
C PHE B 91 -0.72 -33.10 8.70
N PHE B 92 -1.93 -33.61 8.65
CA PHE B 92 -2.47 -34.28 7.47
C PHE B 92 -2.08 -33.52 6.20
N SER B 93 -2.06 -34.27 5.11
CA SER B 93 -1.74 -33.78 3.77
C SER B 93 -2.00 -34.94 2.81
N LEU B 94 -1.87 -34.66 1.53
CA LEU B 94 -2.08 -35.70 0.51
C LEU B 94 -1.20 -35.67 -0.28
N GLU B 95 0.02 -36.62 0.01
CA GLU B 95 1.36 -36.79 -0.56
C GLU B 95 1.39 -37.30 -1.99
N PRO B 96 2.17 -36.56 -2.77
CA PRO B 96 2.43 -36.80 -4.19
C PRO B 96 3.11 -38.13 -4.44
N PRO B 97 3.84 -38.35 -5.59
CA PRO B 97 4.51 -39.60 -5.85
C PRO B 97 5.44 -39.96 -4.75
N ALA B 98 5.60 -41.26 -4.71
CA ALA B 98 6.41 -41.96 -3.73
C ALA B 98 7.47 -42.81 -4.42
N PRO B 99 7.16 -43.90 -5.09
CA PRO B 99 8.21 -44.62 -5.77
C PRO B 99 8.81 -43.71 -6.80
N GLU B 100 8.33 -42.46 -6.71
CA GLU B 100 8.67 -41.37 -7.65
C GLU B 100 7.92 -41.66 -8.96
N TYR B 101 8.66 -42.03 -9.98
CA TYR B 101 8.07 -42.45 -11.28
C TYR B 101 8.39 -41.46 -12.42
N GLY B 102 7.69 -40.33 -12.42
CA GLY B 102 7.85 -39.29 -13.46
C GLY B 102 6.53 -38.62 -13.69
N LEU B 103 6.27 -38.36 -14.95
CA LEU B 103 5.01 -37.75 -15.34
C LEU B 103 3.96 -38.76 -15.72
N SER B 104 4.17 -39.96 -15.31
CA SER B 104 3.16 -40.98 -15.52
C SER B 104 2.05 -40.66 -14.52
N PHE B 105 0.81 -40.83 -14.95
CA PHE B 105 -0.35 -40.61 -14.05
C PHE B 105 -0.06 -41.45 -12.82
N ALA B 106 1.16 -42.00 -12.90
CA ALA B 106 1.85 -42.76 -11.85
C ALA B 106 1.37 -44.19 -11.67
N ALA B 107 1.49 -44.52 -10.38
CA ALA B 107 1.01 -45.75 -9.76
C ALA B 107 -0.47 -45.50 -9.64
N PRO B 108 -1.37 -46.46 -9.43
CA PRO B 108 -2.75 -46.16 -9.60
C PRO B 108 -3.20 -44.96 -8.87
N LEU B 109 -4.49 -44.86 -8.98
CA LEU B 109 -5.29 -43.83 -8.40
C LEU B 109 -4.99 -43.66 -6.99
N LYS B 110 -4.04 -44.44 -6.64
CA LYS B 110 -3.63 -44.45 -5.32
C LYS B 110 -2.31 -43.78 -5.11
N GLU B 111 -1.40 -43.31 -6.02
CA GLU B 111 -0.42 -42.98 -5.09
C GLU B 111 0.76 -42.03 -4.78
N GLY B 112 -0.19 -41.11 -4.55
CA GLY B 112 -0.19 -39.93 -5.43
C GLY B 112 -1.30 -39.74 -6.46
N GLY B 113 -2.00 -40.83 -6.80
CA GLY B 113 -3.11 -40.78 -7.76
C GLY B 113 -4.16 -39.76 -7.35
N LEU B 114 -4.64 -39.81 -6.08
CA LEU B 114 -5.65 -38.89 -5.58
C LEU B 114 -5.15 -37.44 -5.55
N TRP B 115 -4.07 -36.45 -5.09
CA TRP B 115 -3.25 -35.36 -5.66
C TRP B 115 -3.64 -35.10 -7.12
N LEU B 116 -3.64 -36.20 -7.86
CA LEU B 116 -3.97 -36.18 -9.27
C LEU B 116 -5.31 -35.45 -9.52
N ILE B 117 -6.34 -35.99 -8.90
CA ILE B 117 -7.75 -35.55 -9.06
C ILE B 117 -8.05 -34.19 -8.42
N ALA B 118 -7.92 -34.10 -7.11
CA ALA B 118 -8.18 -32.87 -6.37
C ALA B 118 -7.52 -31.68 -7.08
N SER B 119 -6.28 -31.94 -7.48
CA SER B 119 -5.43 -30.96 -8.16
C SER B 119 -6.05 -30.52 -9.50
N PHE B 120 -6.63 -31.50 -10.16
CA PHE B 120 -7.23 -31.32 -11.49
C PHE B 120 -8.41 -30.33 -11.46
N PHE B 121 -9.19 -30.39 -10.41
CA PHE B 121 -10.38 -29.54 -10.29
C PHE B 121 -10.00 -28.13 -9.83
N MET B 122 -8.91 -28.02 -9.08
CA MET B 122 -8.44 -26.70 -8.64
C MET B 122 -8.04 -25.91 -9.88
N PHE B 123 -7.87 -26.67 -10.93
CA PHE B 123 -7.57 -26.16 -12.26
C PHE B 123 -8.84 -25.54 -12.83
N VAL B 124 -9.91 -26.31 -12.62
CA VAL B 124 -11.25 -25.94 -13.07
C VAL B 124 -11.78 -24.77 -12.25
N ALA B 125 -11.76 -24.95 -10.94
CA ALA B 125 -12.24 -23.90 -10.03
C ALA B 125 -11.64 -22.55 -10.40
N VAL B 126 -10.37 -22.46 -10.11
CA VAL B 126 -9.55 -21.26 -10.31
C VAL B 126 -9.69 -20.67 -11.72
N TRP B 127 -9.89 -21.51 -12.70
CA TRP B 127 -10.00 -21.03 -14.09
C TRP B 127 -11.39 -20.44 -14.33
N SER B 128 -12.36 -20.98 -13.62
CA SER B 128 -13.74 -20.52 -13.73
C SER B 128 -13.90 -19.12 -13.08
N TRP B 129 -13.06 -18.83 -12.07
CA TRP B 129 -13.10 -17.49 -11.41
C TRP B 129 -12.63 -16.45 -12.41
N TRP B 130 -11.54 -16.76 -13.11
CA TRP B 130 -10.98 -15.80 -14.08
C TRP B 130 -12.05 -15.33 -15.05
N GLY B 131 -12.95 -16.22 -15.38
CA GLY B 131 -14.05 -15.99 -16.34
C GLY B 131 -14.95 -14.85 -15.82
N ARG B 132 -15.13 -14.91 -14.53
CA ARG B 132 -15.92 -13.98 -13.72
C ARG B 132 -15.19 -12.59 -13.62
N THR B 133 -14.05 -12.51 -12.89
CA THR B 133 -13.32 -11.21 -12.74
C THR B 133 -13.00 -10.62 -14.09
N TYR B 134 -13.22 -11.43 -15.08
CA TYR B 134 -12.92 -11.02 -16.42
C TYR B 134 -14.18 -10.58 -17.19
N LEU B 135 -15.07 -11.51 -17.46
CA LEU B 135 -16.29 -11.21 -18.22
C LEU B 135 -17.27 -10.42 -17.34
N ARG B 136 -17.18 -10.67 -16.05
CA ARG B 136 -18.05 -10.00 -15.09
C ARG B 136 -17.83 -8.50 -15.12
N ALA B 137 -16.67 -8.16 -15.63
CA ALA B 137 -16.25 -6.77 -15.77
C ALA B 137 -16.99 -6.13 -16.93
N GLN B 138 -17.41 -6.92 -17.92
CA GLN B 138 -18.18 -6.33 -19.04
C GLN B 138 -19.66 -6.64 -18.67
N ALA B 139 -20.23 -5.61 -18.09
CA ALA B 139 -21.61 -5.62 -17.61
C ALA B 139 -21.81 -4.42 -16.69
N LEU B 140 -20.70 -3.92 -16.19
CA LEU B 140 -20.70 -2.76 -15.28
C LEU B 140 -20.03 -1.58 -15.98
N GLY B 141 -19.28 -1.94 -17.02
CA GLY B 141 -18.53 -0.99 -17.85
C GLY B 141 -17.01 -1.28 -17.78
N MET B 142 -16.54 -1.24 -16.54
CA MET B 142 -15.12 -1.42 -16.16
C MET B 142 -14.38 -2.49 -17.00
N GLY B 143 -13.04 -2.32 -16.98
CA GLY B 143 -12.04 -3.14 -17.73
C GLY B 143 -11.42 -4.26 -16.86
N LYS B 144 -10.65 -5.10 -17.54
CA LYS B 144 -10.07 -6.34 -16.98
C LYS B 144 -8.64 -6.24 -16.39
N HIS B 145 -8.17 -5.08 -16.03
CA HIS B 145 -6.81 -5.01 -15.42
C HIS B 145 -6.74 -6.09 -14.35
N THR B 146 -7.88 -6.18 -13.71
CA THR B 146 -8.18 -7.14 -12.65
C THR B 146 -7.76 -8.53 -13.08
N ALA B 147 -8.59 -9.03 -13.96
CA ALA B 147 -8.45 -10.36 -14.54
C ALA B 147 -6.99 -10.61 -14.87
N TRP B 148 -6.46 -9.74 -15.73
CA TRP B 148 -5.07 -9.83 -16.13
C TRP B 148 -4.21 -9.96 -14.89
N ALA B 149 -4.41 -9.03 -13.99
CA ALA B 149 -3.69 -9.00 -12.72
C ALA B 149 -3.64 -10.41 -12.14
N PHE B 150 -4.84 -10.96 -11.99
CA PHE B 150 -5.06 -12.29 -11.41
C PHE B 150 -4.40 -13.40 -12.26
N LEU B 151 -4.03 -13.05 -13.50
CA LEU B 151 -3.40 -14.03 -14.42
C LEU B 151 -1.92 -14.34 -13.99
N SER B 152 -1.19 -13.35 -13.45
CA SER B 152 0.22 -13.57 -12.98
C SER B 152 0.21 -14.56 -11.80
N ALA B 153 -0.90 -14.48 -11.09
CA ALA B 153 -1.16 -15.28 -9.90
C ALA B 153 -1.41 -16.74 -10.27
N ILE B 154 -1.93 -16.93 -11.47
CA ILE B 154 -2.26 -18.26 -11.98
C ILE B 154 -0.98 -18.93 -12.51
N TRP B 155 -0.05 -18.06 -12.82
CA TRP B 155 1.27 -18.38 -13.35
C TRP B 155 2.04 -19.15 -12.29
N LEU B 156 2.22 -18.49 -11.17
CA LEU B 156 2.92 -19.08 -10.02
C LEU B 156 2.27 -20.43 -9.67
N TRP B 157 0.96 -20.41 -9.48
CA TRP B 157 0.20 -21.63 -9.17
C TRP B 157 0.36 -22.59 -10.33
N MET B 158 0.21 -22.07 -11.54
CA MET B 158 0.40 -22.88 -12.72
C MET B 158 1.75 -23.59 -12.57
N VAL B 159 2.81 -22.87 -12.86
CA VAL B 159 4.19 -23.41 -12.76
C VAL B 159 4.34 -24.47 -11.61
N LEU B 160 4.82 -23.97 -10.46
CA LEU B 160 5.13 -24.71 -9.19
C LEU B 160 4.27 -25.95 -8.95
N GLY B 161 3.07 -25.91 -9.49
CA GLY B 161 2.06 -26.93 -9.35
C GLY B 161 1.92 -27.83 -10.58
N PHE B 162 1.66 -27.23 -11.73
CA PHE B 162 1.45 -28.01 -12.97
C PHE B 162 2.56 -27.80 -14.00
N ILE B 163 2.55 -26.63 -14.62
CA ILE B 163 3.52 -26.32 -15.68
C ILE B 163 4.95 -26.75 -15.25
N ARG B 164 5.48 -26.10 -14.23
CA ARG B 164 6.86 -26.32 -13.70
C ARG B 164 7.27 -27.80 -13.56
N PRO B 165 6.68 -28.58 -12.63
CA PRO B 165 7.12 -29.94 -12.33
C PRO B 165 7.05 -30.93 -13.49
N ILE B 166 6.92 -30.45 -14.71
CA ILE B 166 6.80 -31.41 -15.84
C ILE B 166 8.00 -31.31 -16.80
N LEU B 167 8.37 -30.09 -17.16
CA LEU B 167 9.51 -29.85 -18.07
C LEU B 167 10.69 -30.71 -17.63
N MET B 168 10.53 -31.21 -16.41
CA MET B 168 11.51 -32.08 -15.72
C MET B 168 11.21 -33.56 -16.03
N GLY B 169 10.02 -33.99 -15.63
CA GLY B 169 9.60 -35.37 -15.88
C GLY B 169 8.57 -35.81 -14.85
N SER B 170 9.12 -36.13 -13.72
CA SER B 170 8.51 -36.62 -12.49
C SER B 170 7.45 -35.71 -11.88
N TRP B 171 6.29 -36.32 -11.60
CA TRP B 171 5.17 -35.56 -10.98
C TRP B 171 5.48 -35.44 -9.47
N SER B 172 6.36 -36.32 -9.01
CA SER B 172 6.77 -36.38 -7.60
C SER B 172 6.83 -34.98 -7.01
N GLU B 173 7.51 -34.14 -7.78
CA GLU B 173 7.69 -32.71 -7.42
C GLU B 173 6.27 -32.17 -7.24
N ALA B 174 6.14 -30.87 -7.12
CA ALA B 174 4.83 -30.24 -6.96
C ALA B 174 4.38 -30.27 -5.51
N VAL B 175 3.67 -29.23 -5.17
CA VAL B 175 3.19 -28.94 -3.82
C VAL B 175 2.08 -29.91 -3.33
N PRO B 176 2.33 -30.62 -2.20
CA PRO B 176 1.33 -31.51 -1.58
C PRO B 176 0.22 -30.64 -0.98
N TYR B 177 -0.89 -31.30 -0.69
CA TYR B 177 -2.09 -30.70 -0.14
C TYR B 177 -2.13 -30.86 1.38
N GLY B 178 -1.77 -29.78 2.02
CA GLY B 178 -1.74 -29.69 3.48
C GLY B 178 -1.64 -28.25 3.98
N ILE B 179 -1.23 -28.19 5.25
CA ILE B 179 -1.03 -26.97 6.01
C ILE B 179 0.34 -26.96 6.67
N PHE B 180 0.79 -28.11 7.10
CA PHE B 180 2.09 -28.20 7.76
C PHE B 180 3.16 -28.65 6.77
N SER B 181 2.91 -29.73 6.06
CA SER B 181 3.91 -30.19 5.09
C SER B 181 3.94 -29.27 3.90
N HIS B 182 2.82 -28.77 3.44
CA HIS B 182 3.00 -27.97 2.26
C HIS B 182 3.96 -26.86 2.55
N LEU B 183 4.18 -26.67 3.81
CA LEU B 183 5.22 -25.75 4.24
C LEU B 183 6.54 -26.45 3.91
N ASP B 184 6.74 -27.55 4.63
CA ASP B 184 7.93 -28.43 4.54
C ASP B 184 8.57 -28.36 3.14
N TRP B 185 7.68 -28.53 2.18
CA TRP B 185 7.98 -28.56 0.74
C TRP B 185 8.91 -27.45 0.33
N THR B 186 8.33 -26.28 0.34
CA THR B 186 9.02 -25.05 0.01
C THR B 186 10.47 -25.11 0.53
N ASN B 187 10.56 -25.60 1.75
CA ASN B 187 11.82 -25.72 2.52
C ASN B 187 12.81 -26.71 1.88
N ASN B 188 12.31 -27.85 1.46
CA ASN B 188 13.17 -28.88 0.87
C ASN B 188 13.28 -28.70 -0.65
N PHE B 189 12.56 -27.70 -1.15
CA PHE B 189 12.60 -27.38 -2.57
C PHE B 189 13.86 -26.54 -2.84
N SER B 190 14.04 -25.53 -2.00
CA SER B 190 15.23 -24.64 -2.05
C SER B 190 16.47 -25.52 -1.73
N LEU B 191 16.39 -26.13 -0.55
CA LEU B 191 17.41 -27.00 -0.02
C LEU B 191 18.02 -27.99 -1.00
N VAL B 192 17.26 -28.46 -1.95
CA VAL B 192 17.68 -29.40 -3.00
C VAL B 192 18.49 -28.65 -4.07
N HIS B 193 18.01 -27.44 -4.29
CA HIS B 193 18.51 -26.50 -5.27
C HIS B 193 19.53 -25.51 -4.69
N GLY B 194 20.34 -26.04 -3.79
CA GLY B 194 21.40 -25.27 -3.10
C GLY B 194 20.77 -24.44 -1.99
N ASN B 195 20.25 -23.31 -2.42
CA ASN B 195 19.56 -22.35 -1.57
C ASN B 195 18.90 -21.31 -2.48
N LEU B 196 17.59 -21.31 -2.41
CA LEU B 196 16.75 -20.43 -3.22
C LEU B 196 17.06 -18.95 -2.91
N PHE B 197 18.12 -18.75 -2.13
CA PHE B 197 18.58 -17.38 -1.75
C PHE B 197 19.51 -16.85 -2.85
N TYR B 198 20.05 -17.71 -3.69
CA TYR B 198 20.97 -17.31 -4.77
C TYR B 198 20.26 -17.30 -6.11
N ASN B 199 18.98 -17.57 -6.06
CA ASN B 199 18.07 -17.59 -7.22
C ASN B 199 17.60 -16.13 -7.40
N PRO B 200 18.04 -15.57 -8.52
CA PRO B 200 17.79 -14.19 -8.91
C PRO B 200 16.35 -13.73 -8.99
N PHE B 201 15.45 -14.63 -9.31
CA PHE B 201 14.01 -14.40 -9.48
C PHE B 201 13.28 -14.28 -8.15
N HIS B 202 13.43 -15.27 -7.30
CA HIS B 202 12.85 -15.36 -5.95
C HIS B 202 13.24 -14.10 -5.15
N GLY B 203 14.48 -13.73 -5.39
CA GLY B 203 15.14 -12.59 -4.77
C GLY B 203 14.52 -11.27 -5.22
N LEU B 204 14.35 -11.15 -6.53
CA LEU B 204 13.73 -9.89 -7.04
C LEU B 204 12.26 -9.95 -6.59
N SER B 205 11.77 -11.19 -6.50
CA SER B 205 10.36 -11.40 -6.09
C SER B 205 10.20 -10.88 -4.67
N ILE B 206 11.21 -11.16 -3.86
CA ILE B 206 11.23 -10.65 -2.49
C ILE B 206 11.46 -9.15 -2.56
N ALA B 207 12.22 -8.79 -3.55
CA ALA B 207 12.49 -7.40 -3.83
C ALA B 207 11.15 -6.71 -4.07
N PHE B 208 10.35 -7.37 -4.90
CA PHE B 208 9.03 -6.85 -5.33
C PHE B 208 7.99 -6.83 -4.18
N LEU B 209 8.00 -7.87 -3.38
CA LEU B 209 7.05 -8.05 -2.25
C LEU B 209 7.05 -6.80 -1.33
N TYR B 210 8.24 -6.50 -0.83
CA TYR B 210 8.49 -5.37 0.08
C TYR B 210 8.13 -4.04 -0.60
N GLY B 211 8.25 -4.07 -1.90
CA GLY B 211 7.98 -2.91 -2.78
C GLY B 211 6.48 -2.62 -2.83
N SER B 212 5.71 -3.69 -2.77
CA SER B 212 4.24 -3.58 -2.77
C SER B 212 3.83 -3.21 -1.34
N ALA B 213 4.73 -3.55 -0.43
CA ALA B 213 4.58 -3.27 1.00
C ALA B 213 4.85 -1.79 1.27
N LEU B 214 5.97 -1.36 0.73
CA LEU B 214 6.42 0.02 0.81
C LEU B 214 5.28 0.91 0.28
N LEU B 215 4.97 0.64 -0.98
CA LEU B 215 3.98 1.32 -1.78
C LEU B 215 2.55 1.28 -1.33
N PHE B 216 2.05 0.21 -0.73
CA PHE B 216 0.62 0.20 -0.32
C PHE B 216 0.44 1.03 0.96
N ALA B 217 1.36 0.79 1.86
CA ALA B 217 1.42 1.51 3.15
C ALA B 217 1.26 3.01 2.84
N MET B 218 2.30 3.52 2.22
CA MET B 218 2.52 4.89 1.77
C MET B 218 1.29 5.49 1.09
N HIS B 219 0.75 4.75 0.15
CA HIS B 219 -0.43 5.06 -0.66
C HIS B 219 -1.66 5.33 0.21
N GLY B 220 -1.94 4.33 1.03
CA GLY B 220 -3.10 4.47 1.94
C GLY B 220 -2.92 5.75 2.75
N ALA B 221 -1.70 6.01 3.16
CA ALA B 221 -1.24 7.13 3.97
C ALA B 221 -1.36 8.50 3.32
N THR B 222 -0.76 8.64 2.16
CA THR B 222 -0.77 9.89 1.40
C THR B 222 -2.17 10.23 0.94
N ILE B 223 -3.10 9.38 1.30
CA ILE B 223 -4.48 9.56 0.88
C ILE B 223 -5.41 9.79 2.10
N LEU B 224 -5.07 9.15 3.23
CA LEU B 224 -5.85 9.23 4.51
C LEU B 224 -5.61 10.58 5.19
N ALA B 225 -4.50 11.17 4.77
CA ALA B 225 -4.01 12.44 5.31
C ALA B 225 -4.45 13.65 4.45
N VAL B 226 -4.94 13.37 3.27
CA VAL B 226 -5.38 14.42 2.31
C VAL B 226 -6.92 14.37 2.16
N SER B 227 -7.43 13.30 2.76
CA SER B 227 -8.86 12.94 2.83
C SER B 227 -9.69 14.07 3.42
N ARG B 228 -8.99 15.11 3.79
CA ARG B 228 -9.59 16.32 4.34
C ARG B 228 -10.31 17.05 3.20
N PHE B 229 -9.62 17.07 2.08
CA PHE B 229 -10.15 17.64 0.84
C PHE B 229 -10.64 16.47 -0.05
N GLY B 230 -10.84 15.35 0.63
CA GLY B 230 -11.29 14.13 -0.03
C GLY B 230 -10.29 13.67 -1.10
N GLY B 231 -9.11 13.38 -0.60
CA GLY B 231 -7.95 12.93 -1.36
C GLY B 231 -8.23 11.58 -2.01
N GLU B 232 -9.35 11.03 -1.61
CA GLU B 232 -9.91 9.75 -2.09
C GLU B 232 -10.64 10.06 -3.40
N ARG B 233 -11.69 9.33 -3.71
CA ARG B 233 -12.47 9.52 -4.95
C ARG B 233 -11.56 10.08 -6.03
N GLU B 234 -10.42 9.41 -6.09
CA GLU B 234 -9.25 9.61 -6.94
C GLU B 234 -9.66 9.73 -8.40
N LEU B 235 -10.62 8.92 -8.74
CA LEU B 235 -11.18 8.88 -10.09
C LEU B 235 -11.66 10.29 -10.49
N GLU B 236 -12.23 11.02 -9.53
CA GLU B 236 -12.71 12.40 -9.81
C GLU B 236 -11.54 13.36 -9.96
N GLN B 237 -10.56 13.12 -9.12
CA GLN B 237 -9.36 13.95 -9.12
C GLN B 237 -8.50 13.60 -10.33
N ILE B 238 -8.82 12.45 -10.92
CA ILE B 238 -8.13 11.99 -12.15
C ILE B 238 -8.67 12.81 -13.33
N ALA B 239 -9.93 13.19 -13.15
CA ALA B 239 -10.71 13.99 -14.11
C ALA B 239 -10.33 15.46 -14.02
N ASP B 240 -10.64 16.04 -12.88
CA ASP B 240 -10.32 17.45 -12.56
C ASP B 240 -9.59 17.42 -11.21
N ARG B 241 -8.28 17.65 -11.29
CA ARG B 241 -7.36 17.58 -10.13
C ARG B 241 -7.62 18.69 -9.10
N GLY B 242 -7.75 18.22 -7.87
CA GLY B 242 -7.99 19.07 -6.68
C GLY B 242 -6.68 19.29 -5.93
N THR B 243 -6.66 20.28 -5.05
CA THR B 243 -5.44 20.63 -4.30
C THR B 243 -4.97 19.45 -3.45
N ALA B 244 -5.88 18.52 -3.19
CA ALA B 244 -5.58 17.31 -2.40
C ALA B 244 -4.60 16.43 -3.17
N ALA B 245 -4.88 16.31 -4.45
CA ALA B 245 -4.15 15.53 -5.44
C ALA B 245 -2.70 16.04 -5.52
N GLU B 246 -2.61 17.35 -5.42
CA GLU B 246 -1.33 18.10 -5.45
C GLU B 246 -0.58 17.94 -4.14
N ARG B 247 -1.22 18.46 -3.11
CA ARG B 247 -0.69 18.43 -1.74
C ARG B 247 0.06 17.10 -1.56
N ALA B 248 -0.59 16.03 -1.97
CA ALA B 248 0.01 14.70 -1.89
C ALA B 248 1.17 14.62 -2.87
N ALA B 249 0.88 15.05 -4.08
CA ALA B 249 1.87 15.08 -5.17
C ALA B 249 3.17 15.70 -4.64
N LEU B 250 3.03 16.93 -4.18
CA LEU B 250 4.10 17.76 -3.68
C LEU B 250 4.93 17.18 -2.52
N PHE B 251 4.29 16.43 -1.65
CA PHE B 251 4.98 15.87 -0.47
C PHE B 251 6.23 15.05 -0.83
N TRP B 252 6.05 13.94 -1.54
CA TRP B 252 7.20 13.09 -1.88
C TRP B 252 8.15 13.73 -2.87
N ARG B 253 7.70 14.79 -3.47
CA ARG B 253 8.52 15.48 -4.47
C ARG B 253 9.68 16.21 -3.79
N TRP B 254 9.32 16.95 -2.75
CA TRP B 254 10.29 17.75 -1.97
C TRP B 254 11.04 16.90 -0.92
N THR B 255 10.76 15.64 -0.94
CA THR B 255 11.28 14.61 -0.06
C THR B 255 12.18 13.62 -0.83
N MET B 256 11.65 12.94 -1.85
CA MET B 256 12.47 11.99 -2.63
C MET B 256 13.11 12.67 -3.84
N GLY B 257 12.35 13.56 -4.45
CA GLY B 257 12.80 14.34 -5.61
C GLY B 257 11.82 14.23 -6.79
N PHE B 258 10.84 13.35 -6.66
CA PHE B 258 9.87 13.14 -7.75
C PHE B 258 8.47 12.73 -7.25
N ASN B 259 7.50 13.30 -7.98
CA ASN B 259 6.03 13.15 -7.79
C ASN B 259 5.41 12.61 -9.06
N ALA B 260 4.27 11.96 -8.90
CA ALA B 260 3.52 11.37 -10.02
C ALA B 260 2.19 12.09 -10.18
N THR B 261 1.20 11.27 -10.40
CA THR B 261 -0.19 11.67 -10.51
C THR B 261 -1.05 10.63 -9.83
N MET B 262 -2.14 11.12 -9.37
CA MET B 262 -3.13 10.33 -8.67
C MET B 262 -3.57 9.15 -9.49
N GLU B 263 -2.83 8.93 -10.56
CA GLU B 263 -3.15 7.88 -11.52
C GLU B 263 -1.95 6.94 -11.76
N GLY B 264 -0.75 7.51 -11.72
CA GLY B 264 0.50 6.74 -11.93
C GLY B 264 0.73 5.80 -10.74
N ILE B 265 0.45 6.36 -9.57
CA ILE B 265 0.62 5.64 -8.31
C ILE B 265 -0.01 4.25 -8.40
N HIS B 266 -1.27 4.28 -8.78
CA HIS B 266 -2.03 3.00 -8.89
C HIS B 266 -1.41 2.17 -10.00
N ARG B 267 -0.72 2.87 -10.89
CA ARG B 267 -0.06 2.23 -12.04
C ARG B 267 1.17 1.49 -11.54
N TRP B 268 1.94 2.22 -10.74
CA TRP B 268 3.17 1.69 -10.12
C TRP B 268 2.78 0.48 -9.27
N ALA B 269 1.54 0.53 -8.83
CA ALA B 269 0.90 -0.48 -7.99
C ALA B 269 0.73 -1.79 -8.76
N ILE B 270 -0.29 -1.87 -9.56
CA ILE B 270 -0.62 -3.05 -10.39
C ILE B 270 0.69 -3.76 -10.78
N TRP B 271 1.52 -2.93 -11.34
CA TRP B 271 2.87 -3.20 -11.83
C TRP B 271 3.76 -3.91 -10.82
N MET B 272 3.85 -3.32 -9.65
CA MET B 272 4.65 -3.86 -8.55
C MET B 272 4.14 -5.25 -8.17
N ALA B 273 2.90 -5.32 -7.74
CA ALA B 273 2.24 -6.55 -7.33
C ALA B 273 2.41 -7.68 -8.35
N VAL B 274 2.30 -7.30 -9.61
CA VAL B 274 2.37 -8.23 -10.74
C VAL B 274 3.79 -8.75 -10.96
N LEU B 275 4.71 -7.87 -11.21
CA LEU B 275 6.12 -8.27 -11.42
C LEU B 275 6.52 -9.25 -10.31
N VAL B 276 5.69 -9.27 -9.27
CA VAL B 276 5.90 -10.11 -8.09
C VAL B 276 6.02 -11.57 -8.45
N THR B 277 4.91 -12.25 -8.34
CA THR B 277 4.84 -13.67 -8.63
C THR B 277 5.42 -13.93 -10.04
N LEU B 278 5.30 -12.93 -10.91
CA LEU B 278 5.76 -13.04 -12.32
C LEU B 278 7.20 -13.62 -12.44
N THR B 279 8.14 -12.94 -11.80
CA THR B 279 9.58 -13.30 -11.79
C THR B 279 9.82 -14.65 -11.10
N GLY B 280 8.99 -14.86 -10.11
CA GLY B 280 9.04 -16.07 -9.27
C GLY B 280 8.68 -17.31 -10.05
N GLY B 281 7.99 -17.11 -11.15
CA GLY B 281 7.57 -18.25 -12.00
C GLY B 281 8.71 -18.55 -12.98
N ILE B 282 9.31 -17.48 -13.44
CA ILE B 282 10.42 -17.47 -14.41
C ILE B 282 11.60 -18.18 -13.76
N GLY B 283 11.71 -17.86 -12.50
CA GLY B 283 12.69 -18.36 -11.54
C GLY B 283 12.37 -19.79 -11.12
N ILE B 284 11.12 -20.19 -11.36
CA ILE B 284 10.77 -21.58 -11.01
C ILE B 284 10.90 -22.35 -12.31
N LEU B 285 10.26 -21.86 -13.35
CA LEU B 285 10.32 -22.54 -14.65
C LEU B 285 11.74 -22.92 -15.03
N LEU B 286 12.68 -22.29 -14.36
CA LEU B 286 14.12 -22.45 -14.54
C LEU B 286 14.84 -23.23 -13.44
N SER B 287 14.25 -23.42 -12.30
CA SER B 287 14.87 -24.19 -11.19
C SER B 287 14.51 -25.66 -11.39
N GLY B 288 15.52 -26.45 -11.75
CA GLY B 288 15.40 -27.88 -12.01
C GLY B 288 15.44 -28.25 -13.50
N THR B 289 15.21 -27.29 -14.38
CA THR B 289 15.23 -27.53 -15.83
C THR B 289 16.51 -26.95 -16.41
N VAL B 290 17.14 -26.10 -15.60
CA VAL B 290 18.39 -25.48 -16.02
C VAL B 290 19.37 -25.29 -14.88
N VAL B 291 19.10 -25.68 -13.66
CA VAL B 291 20.06 -25.50 -12.54
C VAL B 291 19.64 -26.49 -11.45
N ASP B 292 20.54 -27.32 -10.98
CA ASP B 292 20.11 -28.26 -9.91
C ASP B 292 20.61 -27.70 -8.58
N ASN B 293 21.59 -26.85 -8.75
CA ASN B 293 22.27 -26.15 -7.65
C ASN B 293 22.40 -24.68 -8.01
N TRP B 294 21.87 -23.84 -7.14
CA TRP B 294 21.89 -22.38 -7.36
C TRP B 294 23.20 -21.75 -6.80
N TYR B 295 23.65 -22.14 -5.61
CA TYR B 295 24.89 -21.53 -5.03
C TYR B 295 26.01 -21.47 -6.09
N VAL B 296 26.16 -22.57 -6.82
CA VAL B 296 27.19 -22.72 -7.89
C VAL B 296 27.20 -21.49 -8.80
N TRP B 297 26.01 -21.22 -9.33
CA TRP B 297 25.75 -20.09 -10.24
C TRP B 297 26.45 -18.83 -9.73
N GLY B 298 26.04 -18.46 -8.54
CA GLY B 298 26.54 -17.27 -7.83
C GLY B 298 28.06 -17.24 -7.82
N GLN B 299 28.64 -18.28 -7.25
CA GLN B 299 30.10 -18.38 -7.15
C GLN B 299 30.67 -18.99 -8.45
N ASN B 300 29.81 -19.07 -9.46
CA ASN B 300 30.18 -19.57 -10.79
C ASN B 300 30.34 -18.37 -11.75
N HIS B 301 29.92 -17.25 -11.18
CA HIS B 301 29.96 -15.96 -11.88
C HIS B 301 30.76 -14.93 -11.09
N GLY B 302 30.32 -14.61 -9.87
CA GLY B 302 31.05 -13.65 -9.06
C GLY B 302 30.38 -13.24 -7.77
N MET B 303 29.09 -13.42 -7.72
CA MET B 303 28.31 -13.01 -6.55
C MET B 303 28.02 -14.14 -5.57
N ALA B 304 28.30 -13.78 -4.33
CA ALA B 304 28.15 -14.57 -3.11
C ALA B 304 28.97 -13.87 -2.01
N PRO B 305 28.57 -14.15 -0.76
CA PRO B 305 29.28 -13.55 0.39
C PRO B 305 30.48 -14.42 0.74
N MET C 1 28.37 -33.20 -18.78
CA MET C 1 28.02 -31.86 -19.28
C MET C 1 27.04 -31.21 -18.30
N VAL C 2 26.08 -30.54 -18.87
CA VAL C 2 24.97 -29.81 -18.26
C VAL C 2 24.25 -29.14 -19.45
N GLY C 3 23.29 -29.91 -19.93
CA GLY C 3 22.44 -29.54 -21.08
C GLY C 3 21.59 -28.34 -20.64
N VAL C 4 22.33 -27.30 -20.31
CA VAL C 4 21.84 -26.02 -19.83
C VAL C 4 22.66 -24.86 -20.42
N THR C 5 23.89 -24.79 -19.96
CA THR C 5 24.88 -23.78 -20.36
C THR C 5 24.95 -23.78 -21.89
N ALA C 6 25.45 -22.69 -22.45
CA ALA C 6 25.56 -22.53 -23.90
C ALA C 6 26.95 -22.66 -24.48
N PHE C 7 27.97 -22.21 -23.77
CA PHE C 7 29.36 -22.24 -24.28
C PHE C 7 30.32 -22.85 -23.27
N GLY C 8 31.47 -22.25 -23.14
CA GLY C 8 32.51 -22.68 -22.21
C GLY C 8 32.14 -22.17 -20.80
N ASN C 9 30.83 -21.94 -20.70
CA ASN C 9 30.14 -21.49 -19.47
C ASN C 9 29.31 -20.24 -19.73
N PHE C 10 28.25 -20.41 -20.51
CA PHE C 10 27.33 -19.31 -20.81
C PHE C 10 25.90 -19.79 -20.81
N ASP C 11 25.50 -20.09 -19.59
CA ASP C 11 24.17 -20.59 -19.24
C ASP C 11 23.08 -19.70 -19.81
N LEU C 12 22.03 -20.37 -20.22
CA LEU C 12 20.84 -19.72 -20.78
C LEU C 12 20.30 -18.71 -19.75
N ALA C 13 20.36 -19.12 -18.50
CA ALA C 13 19.85 -18.34 -17.34
C ALA C 13 20.45 -16.93 -17.23
N SER C 14 21.72 -16.81 -17.59
CA SER C 14 22.43 -15.52 -17.46
C SER C 14 21.68 -14.38 -18.19
N LEU C 15 21.51 -14.54 -19.49
CA LEU C 15 20.85 -13.51 -20.32
C LEU C 15 19.40 -13.31 -19.89
N ALA C 16 18.83 -14.40 -19.44
CA ALA C 16 17.45 -14.41 -18.97
C ALA C 16 17.20 -13.19 -18.10
N ILE C 17 18.15 -12.95 -17.20
CA ILE C 17 18.05 -11.84 -16.24
C ILE C 17 18.41 -10.51 -16.90
N TYR C 18 19.34 -10.53 -17.84
CA TYR C 18 19.67 -9.29 -18.56
C TYR C 18 18.46 -8.88 -19.38
N SER C 19 17.83 -9.88 -19.96
CA SER C 19 16.61 -9.65 -20.73
C SER C 19 15.63 -8.87 -19.84
N PHE C 20 15.33 -9.51 -18.72
CA PHE C 20 14.39 -9.01 -17.71
C PHE C 20 14.80 -7.63 -17.17
N TRP C 21 16.05 -7.54 -16.74
CA TRP C 21 16.59 -6.33 -16.09
C TRP C 21 16.45 -5.05 -16.91
N ILE C 22 17.08 -5.01 -18.08
CA ILE C 22 17.06 -3.79 -18.89
C ILE C 22 15.63 -3.48 -19.38
N PHE C 23 14.99 -4.50 -19.92
CA PHE C 23 13.62 -4.37 -20.42
C PHE C 23 12.73 -3.87 -19.27
N LEU C 24 13.23 -4.13 -18.07
CA LEU C 24 12.58 -3.70 -16.84
C LEU C 24 12.80 -2.19 -16.71
N ALA C 25 14.06 -1.83 -16.81
CA ALA C 25 14.46 -0.43 -16.80
C ALA C 25 13.58 0.27 -17.84
N GLY C 26 13.16 -0.56 -18.78
CA GLY C 26 12.27 -0.16 -19.88
C GLY C 26 11.07 0.59 -19.30
N LEU C 27 10.16 -0.23 -18.84
CA LEU C 27 8.90 0.21 -18.22
C LEU C 27 9.10 1.52 -17.48
N ILE C 28 9.81 1.41 -16.38
CA ILE C 28 10.10 2.54 -15.48
C ILE C 28 9.94 3.88 -16.20
N TYR C 29 11.07 4.48 -16.47
CA TYR C 29 11.14 5.84 -17.03
C TYR C 29 10.06 6.15 -18.08
N TYR C 30 9.63 5.17 -18.84
CA TYR C 30 8.66 5.44 -19.92
C TYR C 30 7.22 5.08 -19.54
N LEU C 31 6.81 3.86 -19.82
CA LEU C 31 5.44 3.44 -19.53
C LEU C 31 5.05 3.75 -18.07
N GLN C 32 5.68 2.98 -17.18
CA GLN C 32 5.44 3.08 -15.73
C GLN C 32 5.46 4.52 -15.24
N THR C 33 6.04 5.37 -16.05
CA THR C 33 6.08 6.79 -15.71
C THR C 33 4.67 7.35 -15.98
N GLU C 34 4.57 8.24 -16.94
CA GLU C 34 3.27 8.85 -17.26
C GLU C 34 2.88 9.79 -16.11
N ASN C 35 3.79 9.85 -15.15
CA ASN C 35 3.67 10.67 -13.94
C ASN C 35 3.86 12.17 -14.27
N MET C 36 3.87 12.48 -15.55
CA MET C 36 4.06 13.86 -16.03
C MET C 36 2.76 14.41 -16.65
N ARG C 37 1.72 13.59 -16.53
CA ARG C 37 0.41 13.97 -17.08
C ARG C 37 -0.08 15.21 -16.34
N GLU C 38 0.42 15.36 -15.13
CA GLU C 38 0.08 16.52 -14.29
C GLU C 38 1.38 17.20 -13.85
N GLY C 39 1.29 18.51 -13.81
CA GLY C 39 2.37 19.41 -13.44
C GLY C 39 3.48 19.36 -14.50
N TYR C 40 3.04 19.39 -15.75
CA TYR C 40 3.97 19.33 -16.89
C TYR C 40 3.38 19.88 -18.17
N PRO C 41 4.17 20.63 -18.99
CA PRO C 41 5.58 20.99 -18.67
C PRO C 41 5.73 21.79 -17.41
N LEU C 42 7.00 22.12 -17.18
CA LEU C 42 7.47 22.90 -16.01
C LEU C 42 7.64 24.39 -16.39
N GLU C 43 7.65 25.20 -15.34
CA GLU C 43 7.67 26.69 -15.39
C GLU C 43 9.01 27.31 -15.82
N ASN C 44 9.04 27.86 -17.03
CA ASN C 44 10.24 28.53 -17.60
C ASN C 44 9.99 30.03 -17.87
N GLU C 45 11.07 30.73 -18.26
CA GLU C 45 11.05 32.22 -18.47
C GLU C 45 11.47 32.64 -19.93
N ASP C 46 11.81 33.96 -20.05
CA ASP C 46 12.20 34.64 -21.35
C ASP C 46 13.61 35.34 -21.27
N GLY C 47 14.54 35.01 -22.22
CA GLY C 47 15.95 35.57 -22.18
C GLY C 47 16.73 35.66 -23.55
N THR C 48 17.79 34.81 -23.60
CA THR C 48 18.91 34.74 -24.63
C THR C 48 18.76 33.70 -25.78
N PRO C 49 19.86 32.97 -26.24
CA PRO C 49 19.74 31.98 -27.30
C PRO C 49 18.79 30.93 -26.86
N ALA C 50 19.38 29.91 -26.30
CA ALA C 50 18.62 28.80 -25.75
C ALA C 50 18.32 29.10 -24.29
N ALA C 51 17.13 28.67 -23.91
CA ALA C 51 16.69 28.77 -22.53
C ALA C 51 17.53 27.77 -21.73
N ASN C 52 17.96 28.19 -20.57
CA ASN C 52 18.86 27.38 -19.74
C ASN C 52 18.15 26.16 -19.07
N GLN C 53 17.52 25.29 -19.89
CA GLN C 53 16.93 23.98 -19.40
C GLN C 53 15.39 23.82 -19.64
N GLY C 54 14.99 22.49 -19.73
CA GLY C 54 13.58 21.98 -19.95
C GLY C 54 13.50 20.42 -20.39
N PRO C 55 12.38 19.64 -20.05
CA PRO C 55 12.16 18.14 -20.41
C PRO C 55 11.97 17.78 -21.97
N PHE C 56 11.51 16.47 -22.31
CA PHE C 56 11.19 15.91 -23.76
C PHE C 56 10.77 14.38 -23.72
N PRO C 57 10.92 13.58 -22.61
CA PRO C 57 10.40 12.20 -22.59
C PRO C 57 8.88 12.21 -22.73
N LEU C 58 8.33 13.38 -22.40
CA LEU C 58 6.88 13.74 -22.41
C LEU C 58 6.05 12.96 -23.46
N PRO C 59 5.10 12.09 -23.03
CA PRO C 59 4.25 11.32 -23.96
C PRO C 59 3.33 12.18 -24.80
N LYS C 60 2.24 11.53 -25.15
CA LYS C 60 1.12 11.95 -25.95
C LYS C 60 -0.15 12.17 -25.14
N PRO C 61 -1.05 12.95 -25.73
CA PRO C 61 -2.35 13.25 -25.12
C PRO C 61 -3.16 11.98 -24.93
N LYS C 62 -3.91 11.98 -23.84
CA LYS C 62 -4.80 10.90 -23.44
C LYS C 62 -6.16 11.58 -23.18
N THR C 63 -6.98 11.49 -24.20
CA THR C 63 -8.33 12.07 -24.16
C THR C 63 -9.20 11.24 -23.20
N PHE C 64 -9.84 11.95 -22.31
CA PHE C 64 -10.75 11.37 -21.31
C PHE C 64 -12.17 11.86 -21.61
N ILE C 65 -12.98 10.96 -22.11
CA ILE C 65 -14.38 11.27 -22.47
C ILE C 65 -15.26 11.12 -21.22
N LEU C 66 -15.11 12.14 -20.40
CA LEU C 66 -15.75 12.32 -19.06
C LEU C 66 -17.03 11.49 -18.86
N PRO C 67 -17.47 11.39 -17.58
CA PRO C 67 -18.59 10.55 -17.17
C PRO C 67 -19.86 10.88 -17.91
N HIS C 68 -20.37 12.04 -17.61
CA HIS C 68 -21.62 12.60 -18.17
C HIS C 68 -21.34 14.02 -18.65
N GLY C 69 -22.22 14.48 -19.52
CA GLY C 69 -22.12 15.84 -20.12
C GLY C 69 -20.98 15.81 -21.13
N ARG C 70 -20.54 16.99 -21.50
CA ARG C 70 -19.45 17.15 -22.47
C ARG C 70 -18.15 16.63 -21.83
N GLY C 71 -17.68 15.52 -22.39
CA GLY C 71 -16.49 14.81 -21.89
C GLY C 71 -15.35 14.83 -22.86
N THR C 72 -14.40 15.69 -22.60
CA THR C 72 -13.18 15.92 -23.35
C THR C 72 -12.18 16.71 -22.49
N LEU C 73 -11.22 16.01 -21.94
CA LEU C 73 -10.15 16.55 -21.12
C LEU C 73 -8.90 15.66 -21.26
N THR C 74 -8.08 16.07 -22.21
CA THR C 74 -6.80 15.35 -22.40
C THR C 74 -5.91 15.94 -21.29
N VAL C 75 -5.42 15.03 -20.47
CA VAL C 75 -4.57 15.33 -19.32
C VAL C 75 -3.33 16.11 -19.69
N PRO C 76 -2.74 15.77 -20.83
CA PRO C 76 -1.52 16.46 -21.29
C PRO C 76 -1.83 17.90 -21.65
N GLY C 77 -2.84 18.48 -21.03
CA GLY C 77 -3.25 19.86 -21.30
C GLY C 77 -2.20 20.89 -20.95
N PRO C 78 -2.38 22.07 -21.54
CA PRO C 78 -1.49 23.22 -21.34
C PRO C 78 -1.45 23.54 -19.85
N GLU C 79 -2.66 23.63 -19.30
CA GLU C 79 -2.84 23.96 -17.88
C GLU C 79 -2.11 25.27 -17.57
N SER C 80 -1.15 25.19 -16.67
CA SER C 80 -0.33 26.29 -16.17
C SER C 80 -1.11 26.99 -15.04
N GLU C 81 -1.53 28.20 -15.31
CA GLU C 81 -2.30 29.04 -14.42
C GLU C 81 -1.96 30.51 -14.67
N ASP C 82 -1.62 31.24 -13.63
CA ASP C 82 -1.31 32.66 -13.70
C ASP C 82 -2.53 33.44 -13.20
N ARG C 83 -3.33 32.75 -12.40
CA ARG C 83 -4.54 33.41 -11.83
C ARG C 83 -4.00 34.14 -10.59
N PRO C 84 -4.84 34.95 -9.99
CA PRO C 84 -4.41 35.70 -8.81
C PRO C 84 -3.73 34.83 -7.78
N ILE C 85 -2.51 35.22 -7.47
CA ILE C 85 -1.61 34.68 -6.47
C ILE C 85 -0.66 35.84 -6.05
N ALA C 86 -0.91 36.28 -4.83
CA ALA C 86 -0.30 37.34 -4.09
C ALA C 86 1.03 37.02 -3.36
N LEU C 87 1.73 36.00 -3.79
CA LEU C 87 2.96 35.60 -3.08
C LEU C 87 4.21 36.36 -3.57
N ALA C 88 4.69 37.22 -2.66
CA ALA C 88 5.91 38.03 -2.85
C ALA C 88 7.13 37.16 -2.48
N ARG C 89 8.27 37.82 -2.61
CA ARG C 89 9.59 37.23 -2.37
C ARG C 89 10.06 37.30 -0.89
N THR C 90 11.30 36.82 -0.67
CA THR C 90 11.99 36.86 0.65
C THR C 90 13.51 36.98 0.53
N ALA C 91 14.08 36.17 -0.35
CA ALA C 91 15.54 36.17 -0.56
C ALA C 91 15.87 36.24 -2.04
N VAL C 92 17.01 35.67 -2.39
CA VAL C 92 17.46 35.70 -3.80
C VAL C 92 17.56 34.33 -4.43
N SER C 93 17.48 33.25 -3.66
CA SER C 93 17.57 31.90 -4.21
C SER C 93 16.16 31.32 -4.47
N GLU C 94 16.13 30.53 -5.53
CA GLU C 94 14.91 29.85 -5.96
C GLU C 94 14.71 28.63 -5.06
N GLY C 95 14.53 28.95 -3.80
CA GLY C 95 14.28 28.01 -2.70
C GLY C 95 13.67 28.87 -1.57
N PHE C 96 14.38 29.99 -1.37
CA PHE C 96 13.91 30.96 -0.35
C PHE C 96 12.41 31.12 -0.57
N PRO C 97 11.70 30.80 0.49
CA PRO C 97 10.24 30.80 0.54
C PRO C 97 9.58 32.08 0.11
N HIS C 98 8.25 32.05 0.06
CA HIS C 98 7.45 33.23 -0.29
C HIS C 98 6.36 33.39 0.79
N ALA C 99 6.28 34.59 1.34
CA ALA C 99 5.35 34.93 2.39
C ALA C 99 4.04 35.55 1.92
N PRO C 100 3.06 35.44 2.83
CA PRO C 100 1.73 36.03 2.59
C PRO C 100 1.98 37.53 2.37
N THR C 101 0.94 38.15 1.87
CA THR C 101 0.93 39.60 1.58
C THR C 101 -0.52 40.07 1.76
N GLY C 102 -1.04 39.76 2.94
CA GLY C 102 -2.42 40.14 3.29
C GLY C 102 -3.02 39.27 4.39
N ASP C 103 -4.12 38.65 4.01
CA ASP C 103 -4.91 37.71 4.82
C ASP C 103 -4.61 36.35 4.13
N PRO C 104 -3.86 35.51 4.81
CA PRO C 104 -3.43 34.22 4.28
C PRO C 104 -4.52 33.24 3.90
N MET C 105 -5.40 33.01 4.86
CA MET C 105 -6.52 32.07 4.62
C MET C 105 -7.49 32.80 3.69
N LYS C 106 -7.59 34.09 3.92
CA LYS C 106 -8.50 34.97 3.19
C LYS C 106 -8.07 35.24 1.76
N ASP C 107 -6.78 35.15 1.55
CA ASP C 107 -6.16 35.42 0.25
C ASP C 107 -6.36 34.30 -0.79
N GLY C 108 -5.73 33.17 -0.50
CA GLY C 108 -5.77 31.99 -1.38
C GLY C 108 -4.34 31.53 -1.60
N VAL C 109 -3.61 31.43 -0.48
CA VAL C 109 -2.19 31.04 -0.51
C VAL C 109 -1.74 30.24 0.73
N GLY C 110 -0.92 29.25 0.43
CA GLY C 110 -0.24 28.40 1.43
C GLY C 110 -1.06 27.18 1.85
N PRO C 111 -0.92 26.81 3.13
CA PRO C 111 -1.57 25.64 3.70
C PRO C 111 -3.09 25.74 3.65
N ALA C 112 -3.55 26.80 3.03
CA ALA C 112 -4.95 27.12 2.81
C ALA C 112 -5.12 27.59 1.36
N SER C 113 -4.85 26.67 0.44
CA SER C 113 -4.93 26.84 -1.00
C SER C 113 -5.90 25.90 -1.74
N TRP C 114 -6.65 26.53 -2.63
CA TRP C 114 -7.65 25.95 -3.51
C TRP C 114 -7.14 26.07 -4.97
N VAL C 115 -7.45 25.04 -5.73
CA VAL C 115 -7.03 24.97 -7.15
C VAL C 115 -7.98 25.82 -7.96
N ALA C 116 -8.30 25.52 -9.19
CA ALA C 116 -9.22 26.32 -10.02
C ALA C 116 -10.18 25.36 -10.72
N ARG C 117 -10.64 24.42 -9.91
CA ARG C 117 -11.52 23.32 -10.23
C ARG C 117 -12.80 23.70 -10.96
N ARG C 118 -13.17 22.75 -11.82
CA ARG C 118 -14.36 22.85 -12.67
C ARG C 118 -15.56 23.16 -11.78
N ASP C 119 -16.51 23.82 -12.41
CA ASP C 119 -17.74 24.25 -11.73
C ASP C 119 -18.93 23.37 -12.11
N LEU C 120 -19.07 22.30 -11.34
CA LEU C 120 -20.17 21.35 -11.56
C LEU C 120 -20.26 20.33 -10.41
N PRO C 121 -21.51 19.98 -10.14
CA PRO C 121 -21.85 19.00 -9.11
C PRO C 121 -21.04 17.73 -9.39
N GLU C 122 -20.08 17.51 -8.49
CA GLU C 122 -19.20 16.33 -8.59
C GLU C 122 -19.71 15.38 -9.65
N LEU C 123 -20.52 14.41 -9.28
CA LEU C 123 -21.07 13.44 -10.24
C LEU C 123 -22.30 12.72 -9.66
N ASP C 124 -22.42 11.50 -10.15
CA ASP C 124 -23.48 10.53 -9.82
C ASP C 124 -23.79 9.72 -11.07
N GLY C 125 -23.55 8.46 -10.91
CA GLY C 125 -23.69 7.47 -11.98
C GLY C 125 -25.05 7.48 -12.64
N HIS C 126 -26.06 7.82 -11.85
CA HIS C 126 -27.43 7.87 -12.40
C HIS C 126 -27.78 9.32 -12.72
N GLY C 127 -26.77 10.06 -13.15
CA GLY C 127 -26.88 11.42 -13.58
C GLY C 127 -26.89 12.52 -12.57
N HIS C 128 -27.66 12.39 -11.52
CA HIS C 128 -27.74 13.43 -10.47
C HIS C 128 -26.38 13.79 -9.89
N ASN C 129 -26.45 14.34 -8.69
CA ASN C 129 -25.37 14.80 -7.85
C ASN C 129 -25.00 13.73 -6.79
N LYS C 130 -24.14 14.14 -5.86
CA LYS C 130 -23.64 13.33 -4.77
C LYS C 130 -23.87 14.02 -3.41
N ILE C 131 -23.16 15.11 -3.24
CA ILE C 131 -23.10 16.00 -2.07
C ILE C 131 -24.47 16.63 -1.84
N LYS C 132 -25.06 16.28 -0.71
CA LYS C 132 -26.40 16.77 -0.38
C LYS C 132 -26.76 16.50 1.07
N PRO C 133 -27.40 17.49 1.69
CA PRO C 133 -27.88 17.38 3.07
C PRO C 133 -28.93 16.28 3.12
N MET C 134 -29.63 16.20 4.24
CA MET C 134 -30.69 15.21 4.45
C MET C 134 -32.07 15.87 4.34
N LYS C 135 -31.99 17.17 4.18
CA LYS C 135 -33.17 18.05 4.04
C LYS C 135 -33.72 17.86 2.63
N ALA C 136 -32.94 17.08 1.88
CA ALA C 136 -33.27 16.75 0.48
C ALA C 136 -33.46 15.24 0.33
N ALA C 137 -32.62 14.50 1.05
CA ALA C 137 -32.68 13.02 1.01
C ALA C 137 -34.10 12.60 1.40
N ALA C 138 -34.35 11.31 1.32
CA ALA C 138 -35.63 10.69 1.66
C ALA C 138 -35.44 9.18 1.79
N GLY C 139 -35.23 8.77 3.03
CA GLY C 139 -35.00 7.36 3.37
C GLY C 139 -33.69 7.23 4.14
N PHE C 140 -32.83 8.22 3.95
CA PHE C 140 -31.52 8.24 4.62
C PHE C 140 -31.68 8.52 6.10
N HIS C 141 -31.10 7.66 6.93
CA HIS C 141 -31.19 7.86 8.38
C HIS C 141 -29.84 7.73 9.08
N VAL C 142 -29.58 8.79 9.81
CA VAL C 142 -28.42 9.00 10.67
C VAL C 142 -28.73 8.18 11.93
N SER C 143 -28.25 6.95 12.07
CA SER C 143 -28.62 6.19 13.29
C SER C 143 -27.97 6.79 14.54
N ALA C 144 -28.44 6.29 15.68
CA ALA C 144 -28.00 6.66 17.02
C ALA C 144 -26.46 6.57 17.09
N GLY C 145 -25.86 7.73 17.21
CA GLY C 145 -24.37 7.83 17.27
C GLY C 145 -24.08 9.28 17.67
N LYS C 146 -24.13 10.11 16.65
CA LYS C 146 -23.91 11.58 16.88
C LYS C 146 -24.75 12.37 15.91
N ASN C 147 -25.78 12.89 16.51
CA ASN C 147 -26.74 13.73 15.81
C ASN C 147 -26.52 15.18 16.20
N PRO C 148 -25.60 15.90 15.53
CA PRO C 148 -25.39 17.29 15.83
C PRO C 148 -26.68 17.96 15.57
N ILE C 149 -26.68 18.77 14.54
CA ILE C 149 -27.94 19.31 14.05
C ILE C 149 -28.51 20.42 14.98
N GLY C 150 -28.11 20.41 16.26
CA GLY C 150 -28.53 21.40 17.30
C GLY C 150 -27.53 21.31 18.46
N LEU C 151 -26.41 20.72 18.11
CA LEU C 151 -25.28 20.44 19.01
C LEU C 151 -24.26 21.54 18.86
N PRO C 152 -23.58 21.93 19.92
CA PRO C 152 -22.58 23.02 19.89
C PRO C 152 -21.43 22.82 18.92
N VAL C 153 -20.80 23.94 18.60
CA VAL C 153 -19.64 24.02 17.68
C VAL C 153 -18.61 25.03 18.21
N ARG C 154 -17.38 24.62 18.34
CA ARG C 154 -16.31 25.52 18.82
C ARG C 154 -14.99 25.28 18.10
N GLY C 155 -13.96 25.94 18.57
CA GLY C 155 -12.56 25.93 18.10
C GLY C 155 -11.71 26.24 19.35
N CYS C 156 -10.50 26.69 19.12
CA CYS C 156 -9.52 27.02 20.18
C CYS C 156 -10.02 28.18 21.09
N ASP C 157 -10.78 29.12 20.52
CA ASP C 157 -11.34 30.23 21.33
C ASP C 157 -12.01 29.55 22.54
N LEU C 158 -13.27 29.22 22.31
CA LEU C 158 -14.16 28.54 23.21
C LEU C 158 -15.62 29.08 23.20
N GLU C 159 -16.35 28.34 22.35
CA GLU C 159 -17.82 28.39 22.10
C GLU C 159 -18.35 29.46 21.13
N ILE C 160 -19.65 29.20 20.93
CA ILE C 160 -20.63 29.87 20.05
C ILE C 160 -20.17 29.98 18.63
N ALA C 161 -19.22 29.16 18.29
CA ALA C 161 -18.76 29.13 16.92
C ALA C 161 -20.00 29.03 16.03
N GLY C 162 -21.06 28.49 16.63
CA GLY C 162 -22.36 28.30 15.99
C GLY C 162 -23.04 27.03 16.49
N LYS C 163 -24.15 26.73 15.87
CA LYS C 163 -24.99 25.54 16.17
C LYS C 163 -25.02 24.69 14.89
N VAL C 164 -25.91 23.71 14.83
CA VAL C 164 -25.99 22.84 13.63
C VAL C 164 -27.37 22.85 13.01
N VAL C 165 -27.53 21.96 12.05
CA VAL C 165 -28.76 21.91 11.29
C VAL C 165 -28.82 20.71 10.30
N ASP C 166 -27.70 20.03 10.09
CA ASP C 166 -27.69 18.86 9.16
C ASP C 166 -26.26 18.41 8.80
N ILE C 167 -26.20 17.60 7.74
CA ILE C 167 -24.95 17.03 7.22
C ILE C 167 -25.02 16.78 5.70
N TRP C 168 -23.88 16.94 5.03
CA TRP C 168 -23.82 16.68 3.57
C TRP C 168 -23.22 15.27 3.42
N VAL C 169 -24.06 14.27 3.31
CA VAL C 169 -23.53 12.90 3.20
C VAL C 169 -23.37 12.49 1.74
N ASP C 170 -22.74 11.34 1.65
CA ASP C 170 -22.45 10.66 0.39
C ASP C 170 -23.75 9.90 0.01
N ILE C 171 -24.48 10.54 -0.90
CA ILE C 171 -25.75 10.03 -1.41
C ILE C 171 -25.46 8.76 -2.19
N PRO C 172 -24.72 8.84 -3.30
CA PRO C 172 -24.39 7.68 -4.09
C PRO C 172 -23.47 6.63 -3.42
N GLU C 173 -22.76 6.96 -2.33
CA GLU C 173 -21.76 5.99 -1.74
C GLU C 173 -22.01 5.55 -0.28
N GLN C 174 -22.68 6.37 0.46
CA GLN C 174 -23.07 6.07 1.86
C GLN C 174 -21.97 6.42 2.86
N MET C 175 -21.97 7.68 3.21
CA MET C 175 -21.01 8.19 4.18
C MET C 175 -21.01 9.73 4.25
N ALA C 176 -20.86 10.21 5.48
CA ALA C 176 -20.87 11.65 5.80
C ALA C 176 -19.62 12.35 5.30
N ARG C 177 -19.79 13.50 4.67
CA ARG C 177 -18.69 14.28 4.11
C ARG C 177 -18.50 15.62 4.81
N PHE C 178 -19.48 16.48 4.66
CA PHE C 178 -19.47 17.84 5.24
C PHE C 178 -20.52 17.92 6.35
N LEU C 179 -20.51 19.06 7.03
CA LEU C 179 -21.45 19.33 8.13
C LEU C 179 -21.96 20.77 8.04
N GLU C 180 -23.27 20.92 8.06
CA GLU C 180 -23.92 22.24 7.97
C GLU C 180 -23.82 23.06 9.26
N VAL C 181 -23.38 24.30 9.06
CA VAL C 181 -23.23 25.30 10.11
C VAL C 181 -23.89 26.63 9.65
N GLU C 182 -24.21 27.34 10.72
CA GLU C 182 -24.85 28.64 10.75
C GLU C 182 -24.38 29.39 12.01
N LEU C 183 -23.63 30.45 11.74
CA LEU C 183 -23.01 31.35 12.72
C LEU C 183 -24.06 32.23 13.42
N LYS C 184 -25.28 31.73 13.48
CA LYS C 184 -26.41 32.42 14.09
C LYS C 184 -26.78 33.67 13.29
N ASP C 185 -25.76 34.44 12.99
CA ASP C 185 -25.81 35.71 12.23
C ASP C 185 -25.26 35.50 10.81
N GLY C 186 -25.00 34.26 10.51
CA GLY C 186 -24.49 33.74 9.23
C GLY C 186 -25.16 32.36 9.05
N SER C 187 -26.07 32.28 8.11
CA SER C 187 -26.84 31.07 7.82
C SER C 187 -26.06 29.86 7.34
N THR C 188 -25.29 30.00 6.27
CA THR C 188 -24.52 28.88 5.68
C THR C 188 -23.04 28.93 6.11
N ARG C 189 -22.48 27.74 6.23
CA ARG C 189 -21.08 27.51 6.58
C ARG C 189 -20.86 26.04 6.91
N LEU C 190 -20.43 25.27 5.93
CA LEU C 190 -20.21 23.82 6.13
C LEU C 190 -18.74 23.44 6.19
N LEU C 191 -18.33 23.10 7.41
CA LEU C 191 -16.96 22.67 7.70
C LEU C 191 -16.78 21.24 7.17
N PRO C 192 -15.51 20.83 7.13
CA PRO C 192 -15.19 19.46 6.71
C PRO C 192 -15.76 18.56 7.84
N MET C 193 -15.52 17.29 7.69
CA MET C 193 -15.94 16.23 8.63
C MET C 193 -14.66 15.57 9.14
N GLN C 194 -13.67 15.68 8.28
CA GLN C 194 -12.32 15.10 8.45
C GLN C 194 -11.42 15.95 9.35
N MET C 195 -12.01 16.84 10.15
CA MET C 195 -11.19 17.71 11.02
C MET C 195 -11.93 18.22 12.27
N VAL C 196 -13.20 17.90 12.42
CA VAL C 196 -13.98 18.37 13.59
C VAL C 196 -14.31 17.21 14.51
N LYS C 197 -13.86 17.32 15.74
CA LYS C 197 -14.12 16.29 16.77
C LYS C 197 -15.61 16.35 17.11
N VAL C 198 -16.31 15.25 17.02
CA VAL C 198 -17.75 15.17 17.37
C VAL C 198 -17.77 14.43 18.72
N GLN C 199 -18.80 14.63 19.50
CA GLN C 199 -18.97 14.01 20.81
C GLN C 199 -20.37 14.34 21.33
N SER C 200 -20.46 14.65 22.62
CA SER C 200 -21.75 14.97 23.24
C SER C 200 -21.70 16.30 23.99
N ASN C 201 -22.46 17.23 23.44
CA ASN C 201 -22.61 18.58 23.96
C ASN C 201 -21.56 19.54 23.38
N ARG C 202 -20.58 18.98 22.73
CA ARG C 202 -19.49 19.72 22.10
C ARG C 202 -19.08 19.01 20.80
N VAL C 203 -18.64 19.85 19.90
CA VAL C 203 -18.14 19.44 18.58
C VAL C 203 -16.94 20.36 18.29
N HIS C 204 -15.88 20.02 19.00
CA HIS C 204 -14.58 20.69 18.96
C HIS C 204 -13.94 20.40 17.59
N VAL C 205 -13.28 21.44 17.15
CA VAL C 205 -12.59 21.44 15.82
C VAL C 205 -11.10 21.41 16.06
N ASN C 206 -10.40 22.45 15.68
CA ASN C 206 -8.96 22.65 15.81
C ASN C 206 -8.42 23.58 14.72
N ALA C 207 -8.87 23.39 13.50
CA ALA C 207 -8.44 24.16 12.35
C ALA C 207 -8.58 25.66 12.58
N LEU C 208 -9.75 26.13 12.95
CA LEU C 208 -10.06 27.53 13.20
C LEU C 208 -10.57 27.86 14.61
N SER C 209 -11.22 29.02 14.68
CA SER C 209 -11.84 29.62 15.85
C SER C 209 -13.14 30.35 15.44
N SER C 210 -14.05 30.53 16.38
CA SER C 210 -15.33 31.21 16.15
C SER C 210 -15.09 32.65 15.71
N ASP C 211 -13.83 32.92 15.50
CA ASP C 211 -13.29 34.25 15.11
C ASP C 211 -12.93 34.26 13.62
N LEU C 212 -12.94 33.09 13.01
CA LEU C 212 -12.62 32.90 11.59
C LEU C 212 -13.72 32.11 10.89
N PHE C 213 -14.55 31.49 11.71
CA PHE C 213 -15.70 30.72 11.22
C PHE C 213 -16.60 31.68 10.40
N ALA C 214 -16.28 32.97 10.53
CA ALA C 214 -17.06 33.98 9.78
C ALA C 214 -16.14 34.64 8.76
N GLY C 215 -16.27 34.18 7.51
CA GLY C 215 -15.46 34.68 6.38
C GLY C 215 -14.84 33.53 5.60
N ILE C 216 -15.51 32.40 5.69
CA ILE C 216 -15.16 31.13 5.04
C ILE C 216 -15.95 31.04 3.74
N PRO C 217 -15.37 30.38 2.75
CA PRO C 217 -16.03 30.24 1.45
C PRO C 217 -17.47 29.85 1.66
N THR C 218 -18.32 30.66 1.05
CA THR C 218 -19.77 30.52 1.11
C THR C 218 -20.32 29.85 -0.15
N ILE C 219 -21.32 29.03 0.04
CA ILE C 219 -22.04 28.29 -1.01
C ILE C 219 -23.10 29.25 -1.55
N LYS C 220 -23.01 29.56 -2.82
CA LYS C 220 -23.91 30.47 -3.56
C LYS C 220 -25.20 29.72 -3.96
N SER C 221 -25.03 28.42 -4.04
CA SER C 221 -26.10 27.45 -4.35
C SER C 221 -26.60 26.93 -3.01
N PRO C 222 -27.91 27.02 -2.80
CA PRO C 222 -28.54 26.59 -1.55
C PRO C 222 -28.18 25.16 -1.17
N THR C 223 -28.75 24.27 -1.95
CA THR C 223 -28.66 22.81 -1.88
C THR C 223 -28.00 22.27 -3.14
N GLU C 224 -26.69 22.56 -3.21
CA GLU C 224 -25.81 22.17 -4.31
C GLU C 224 -24.38 22.68 -4.11
N VAL C 225 -23.45 21.74 -4.33
CA VAL C 225 -22.02 22.01 -4.23
C VAL C 225 -21.41 21.59 -5.60
N THR C 226 -20.32 22.27 -5.91
CA THR C 226 -19.52 22.09 -7.11
C THR C 226 -18.05 22.01 -6.70
N LEU C 227 -17.38 21.11 -7.38
CA LEU C 227 -15.95 20.82 -7.17
C LEU C 227 -15.21 22.03 -6.59
N LEU C 228 -15.17 23.08 -7.38
CA LEU C 228 -14.47 24.33 -7.01
C LEU C 228 -14.70 24.70 -5.55
N GLU C 229 -15.96 24.66 -5.16
CA GLU C 229 -16.42 25.04 -3.82
C GLU C 229 -15.77 24.20 -2.71
N GLU C 230 -15.85 22.90 -2.88
CA GLU C 230 -15.34 21.95 -1.89
C GLU C 230 -13.90 22.30 -1.45
N ASP C 231 -13.01 22.43 -2.42
CA ASP C 231 -11.56 22.68 -2.18
C ASP C 231 -11.27 23.97 -1.38
N LYS C 232 -11.94 25.05 -1.75
CA LYS C 232 -11.74 26.37 -1.10
C LYS C 232 -12.00 26.32 0.41
N ILE C 233 -13.19 25.82 0.70
CA ILE C 233 -13.65 25.71 2.10
C ILE C 233 -12.77 24.67 2.79
N CYS C 234 -12.48 23.62 2.05
CA CYS C 234 -11.65 22.51 2.47
C CYS C 234 -10.21 22.94 2.82
N GLY C 235 -9.69 23.86 2.05
CA GLY C 235 -8.32 24.38 2.27
C GLY C 235 -8.37 25.41 3.40
N TYR C 236 -9.50 26.12 3.42
CA TYR C 236 -9.76 27.16 4.41
C TYR C 236 -9.41 26.63 5.79
N VAL C 237 -10.14 25.59 6.15
CA VAL C 237 -10.02 24.91 7.45
C VAL C 237 -8.58 24.45 7.70
N ALA C 238 -8.24 23.37 7.05
CA ALA C 238 -6.91 22.76 7.18
C ALA C 238 -5.83 23.82 7.47
N GLY C 239 -6.05 25.00 6.91
CA GLY C 239 -5.08 26.12 6.96
C GLY C 239 -5.05 26.88 8.31
N GLY C 240 -5.87 26.47 9.26
CA GLY C 240 -5.93 27.15 10.57
C GLY C 240 -4.77 26.72 11.48
N LEU C 241 -4.37 25.48 11.23
CA LEU C 241 -3.28 24.83 11.96
C LEU C 241 -1.93 25.34 11.43
N MET C 242 -1.80 26.66 11.49
CA MET C 242 -0.58 27.35 11.04
C MET C 242 -0.80 28.86 10.85
N TYR C 243 -1.90 29.17 10.21
CA TYR C 243 -2.30 30.54 9.92
C TYR C 243 -3.18 31.04 11.07
N ALA C 244 -4.05 30.15 11.54
CA ALA C 244 -4.94 30.53 12.66
C ALA C 244 -4.07 30.99 13.85
N ALA C 245 -3.97 30.19 14.91
CA ALA C 245 -3.08 30.61 16.01
C ALA C 245 -1.90 31.28 15.31
N PRO C 246 -1.55 32.50 15.67
CA PRO C 246 -0.56 33.30 14.92
C PRO C 246 0.81 32.63 14.89
N LYS C 247 1.06 31.95 15.99
CA LYS C 247 2.31 31.26 16.27
C LYS C 247 2.23 29.72 16.20
N ARG C 248 1.43 29.19 15.28
CA ARG C 248 1.26 27.72 15.20
C ARG C 248 2.26 27.06 14.21
N LYS C 249 2.82 27.83 13.30
CA LYS C 249 3.82 27.30 12.32
C LYS C 249 5.20 27.26 12.96
N SER C 250 5.32 27.94 14.10
CA SER C 250 6.62 28.12 14.78
C SER C 250 6.88 27.12 15.93
N VAL C 251 8.20 26.92 16.10
CA VAL C 251 8.88 26.11 17.14
C VAL C 251 8.05 24.92 17.70
N VAL C 252 7.85 25.03 19.00
CA VAL C 252 7.14 24.08 19.92
C VAL C 252 7.99 23.89 21.15
N ALA C 253 9.17 23.48 20.81
CA ALA C 253 10.22 23.23 21.75
C ALA C 253 11.53 23.49 21.04
N ALA C 254 12.57 23.34 21.79
CA ALA C 254 13.90 23.53 21.29
C ALA C 254 14.62 22.17 21.29
N MET C 255 15.89 22.36 20.98
CA MET C 255 16.89 21.29 20.90
C MET C 255 18.24 21.89 21.31
MG BCL D . 11.38 -15.21 6.81
CHA BCL D . 12.05 -12.40 8.38
CHB BCL D . 8.87 -13.61 5.10
CHC BCL D . 11.06 -17.95 4.76
CHD BCL D . 14.14 -16.84 8.40
NA BCL D . 10.55 -13.23 6.72
C1A BCL D . 10.96 -12.22 7.56
C2A BCL D . 10.11 -11.03 7.41
C3A BCL D . 9.09 -11.45 6.33
C4A BCL D . 9.50 -12.82 6.02
CMA BCL D . 7.66 -11.39 6.80
CAA BCL D . 10.88 -9.76 7.00
CBA BCL D . 9.94 -8.66 6.44
CGA BCL D . 10.10 -7.36 7.17
O1A BCL D . 9.44 -7.04 8.14
O2A BCL D . 11.02 -6.54 6.66
NB BCL D . 10.17 -15.68 5.24
C1B BCL D . 9.17 -14.90 4.71
C2B BCL D . 8.47 -15.64 3.72
C3B BCL D . 9.04 -16.86 3.62
C4B BCL D . 10.18 -16.88 4.55
CMB BCL D . 7.30 -15.13 2.92
CAB BCL D . 8.55 -17.97 2.80
OBB BCL D . 8.74 -19.16 3.13
CBB BCL D . 7.74 -17.83 1.49
NC BCL D . 12.48 -17.08 6.61
C1C BCL D . 12.13 -18.06 5.71
C2C BCL D . 12.99 -19.23 5.86
C3C BCL D . 13.87 -18.93 6.98
C4C BCL D . 13.53 -17.56 7.38
CMC BCL D . 12.16 -20.44 6.13
CAC BCL D . 15.36 -19.06 6.61
CBC BCL D . 15.68 -20.45 5.97
ND BCL D . 12.80 -14.78 8.14
C1D BCL D . 13.86 -15.50 8.74
C2D BCL D . 14.52 -14.68 9.70
C3D BCL D . 13.85 -13.46 9.58
C4D BCL D . 12.80 -13.53 8.62
CMD BCL D . 15.65 -15.10 10.57
CAD BCL D . 13.81 -12.11 10.07
OBD BCL D . 14.51 -11.52 10.89
CBD BCL D . 12.65 -11.37 9.34
CGD BCL D . 11.67 -10.98 10.43
O1D BCL D . 11.01 -10.01 10.46
O2D BCL D . 11.66 -11.92 11.39
CED BCL D . 10.47 -12.72 11.51
C1 BCL D . 11.14 -5.28 7.34
C2 BCL D . 12.41 -4.54 6.94
C3 BCL D . 12.83 -3.51 7.69
C4 BCL D . 12.06 -3.12 8.94
C5 BCL D . 14.07 -2.75 7.31
C6 BCL D . 14.10 -1.36 7.95
C7 BCL D . 15.38 -0.60 7.54
C8 BCL D . 15.17 0.93 7.61
C9 BCL D . 13.77 1.27 8.17
C10 BCL D . 15.29 1.58 6.21
C11 BCL D . 16.64 2.32 6.03
C12 BCL D . 16.52 3.45 4.97
C13 BCL D . 17.46 3.19 3.76
C14 BCL D . 18.82 2.62 4.22
C15 BCL D . 17.76 4.48 2.95
C16 BCL D . 17.63 4.23 1.41
C17 BCL D . 18.54 5.15 0.56
C18 BCL D . 18.37 4.86 -0.96
C19 BCL D . 19.64 4.21 -1.56
C20 BCL D . 18.07 6.14 -1.76
MG BCL E . 17.36 -7.03 3.30
CHA BCL E . 17.23 -7.93 0.04
CHB BCL E . 17.98 -3.84 2.35
CHC BCL E . 16.79 -5.91 6.47
CHD BCL E . 16.15 -10.20 4.26
NA BCL E . 17.69 -6.08 1.48
C1A BCL E . 17.52 -6.61 0.23
C2A BCL E . 17.70 -5.60 -0.81
C3A BCL E . 17.99 -4.31 -0.02
C4A BCL E . 17.89 -4.75 1.36
CMA BCL E . 19.35 -3.72 -0.31
CAA BCL E . 16.44 -5.41 -1.68
CBA BCL E . 15.47 -4.35 -1.09
CGA BCL E . 14.18 -4.33 -1.85
O1A BCL E . 13.97 -5.02 -2.81
O2A BCL E . 13.29 -3.48 -1.34
NB BCL E . 17.41 -5.21 4.24
C1B BCL E . 17.75 -4.04 3.67
C2B BCL E . 17.79 -3.02 4.67
C3B BCL E . 17.43 -3.57 5.82
C4B BCL E . 17.17 -4.96 5.56
CMB BCL E . 18.16 -1.58 4.43
CAB BCL E . 17.30 -2.88 7.12
OBB BCL E . 16.67 -3.37 8.06
CBB BCL E . 17.91 -1.49 7.45
NC BCL E . 16.56 -7.90 5.05
C1C BCL E . 16.52 -7.28 6.26
C2C BCL E . 16.15 -8.19 7.33
C3C BCL E . 16.01 -9.48 6.68
C4C BCL E . 16.24 -9.25 5.26
CMC BCL E . 17.21 -8.19 8.39
CAC BCL E . 14.61 -10.08 6.94
CBC BCL E . 13.81 -9.28 7.98
ND BCL E . 16.82 -8.74 2.38
C1D BCL E . 16.38 -9.99 2.86
C2D BCL E . 16.25 -10.93 1.81
C3D BCL E . 16.58 -10.18 0.67
C4D BCL E . 16.91 -8.83 1.06
CMD BCL E . 15.82 -12.36 1.93
CAD BCL E . 16.77 -10.23 -0.75
OBD BCL E . 16.75 -11.18 -1.54
CBD BCL E . 17.10 -8.78 -1.25
CGD BCL E . 18.30 -8.92 -2.14
O1D BCL E . 19.31 -8.33 -2.04
O2D BCL E . 18.02 -9.85 -3.08
CED BCL E . 19.12 -10.40 -3.82
C1 BCL E . 13.32 -2.16 -1.87
C2 BCL E . 12.59 -2.10 -3.22
C3 BCL E . 12.23 -0.92 -3.75
C4 BCL E . 12.57 0.36 -3.04
C5 BCL E . 11.50 -0.88 -5.09
C6 BCL E . 12.17 -1.75 -6.18
C7 BCL E . 11.82 -1.21 -7.59
C8 BCL E . 12.00 -2.27 -8.71
C9 BCL E . 11.44 -3.64 -8.29
C10 BCL E . 13.50 -2.45 -9.08
C11 BCL E . 13.76 -2.18 -10.58
C12 BCL E . 15.22 -2.50 -10.98
C13 BCL E . 16.17 -2.51 -9.77
C14 BCL E . 17.27 -1.44 -9.92
C15 BCL E . 16.86 -3.87 -9.62
C16 BCL E . 17.28 -4.14 -8.16
C17 BCL E . 17.75 -5.59 -8.00
C18 BCL E . 18.31 -5.84 -6.58
C19 BCL E . 18.64 -7.34 -6.38
C20 BCL E . 17.29 -5.44 -5.51
O1D BPH F . 10.64 8.77 1.78
CGD BPH F . 10.09 7.76 2.10
O2D BPH F . 9.38 7.03 1.24
CED BPH F . 9.22 7.58 -0.09
CBD BPH F . 10.15 7.12 3.46
CHA BPH F . 10.44 5.61 3.45
C4D BPH F . 9.26 5.00 3.88
C3D BPH F . 8.18 5.87 4.08
CAD BPH F . 8.66 7.20 3.93
OBD BPH F . 8.11 8.29 4.11
C2D BPH F . 7.05 5.12 4.38
CMD BPH F . 5.65 5.56 4.64
C1D BPH F . 7.50 3.78 4.38
ND BPH F . 8.87 3.71 4.05
CHD BPH F . 6.75 2.62 4.65
C4C BPH F . 7.21 1.33 4.68
C3C BPH F . 6.40 0.17 5.04
CAC BPH F . 5.79 0.42 6.44
CBC BPH F . 5.37 -0.91 7.13
C2C BPH F . 7.27 -0.99 4.97
CMC BPH F . 6.77 -2.01 3.98
C1C BPH F . 8.56 -0.45 4.55
NC BPH F . 8.51 0.90 4.38
CHC BPH F . 9.71 -1.23 4.33
C4B BPH F . 10.94 -0.79 3.90
C3B BPH F . 12.13 -1.60 3.67
CAB BPH F . 12.23 -3.06 3.88
CBB BPH F . 11.14 -3.91 4.57
OBB BPH F . 13.22 -3.71 3.52
C2B BPH F . 13.09 -0.76 3.23
CMB BPH F . 14.50 -1.13 2.84
C1B BPH F . 12.54 0.59 3.19
NB BPH F . 11.23 0.53 3.59
CHB BPH F . 13.21 1.74 2.78
C4A BPH F . 12.78 3.05 2.75
C3A BPH F . 13.62 4.12 2.22
CMA BPH F . 13.96 3.86 0.77
C2A BPH F . 12.77 5.39 2.43
C1A BPH F . 11.54 4.89 3.05
NA BPH F . 11.59 3.54 3.23
CAA BPH F . 13.53 6.40 3.30
CBA BPH F . 14.82 5.81 3.87
CGA BPH F . 16.00 6.69 3.57
O1A BPH F . 16.12 7.29 2.54
O2A BPH F . 16.89 6.72 4.57
C1 BPH F . 17.72 7.89 4.62
C2 BPH F . 19.21 7.52 4.76
C3 BPH F . 20.11 8.01 3.89
C4 BPH F . 19.66 8.92 2.77
C5 BPH F . 21.57 7.64 4.02
C6 BPH F . 21.79 6.63 5.17
C7 BPH F . 22.99 5.70 4.88
C8 BPH F . 23.27 4.79 6.09
C9 BPH F . 24.08 5.53 7.17
C10 BPH F . 24.09 3.56 5.65
C11 BPH F . 23.27 2.26 5.85
C12 BPH F . 24.01 1.04 5.27
C13 BPH F . 23.08 -0.18 5.17
C14 BPH F . 23.04 -0.96 6.51
C15 BPH F . 23.54 -1.15 4.07
C16 BPH F . 22.65 -2.41 4.05
C17 BPH F . 23.18 -3.45 3.04
C18 BPH F . 22.78 -3.07 1.60
C19 BPH F . 22.52 -4.33 0.76
C20 BPH F . 23.89 -2.26 0.92
C1 UQ G . -13.20 -2.10 -4.53
C2 UQ G . -13.03 -0.87 -5.33
C3 UQ G . -12.16 0.01 -4.89
C4 UQ G . -11.35 -0.21 -3.72
C5 UQ G . -11.49 -1.46 -2.92
C6 UQ G . -12.37 -2.38 -3.34
CM5 UQ G . -10.66 -1.75 -1.70
CM3 UQ G . -11.20 0.74 -6.76
CM2 UQ G . -13.85 -1.32 -7.60
C7 UQ G . -12.67 -3.64 -2.57
C8 UQ G . -11.65 -4.82 -2.23
C9 UQ G . -11.51 -5.45 -1.09
C10 UQ G . -12.47 -5.17 0.10
C11 UQ G . -10.31 -6.47 -1.04
C12 UQ G . -10.17 -7.37 0.23
C13 UQ G . -8.92 -8.27 0.04
C14 UQ G . -8.97 -9.47 -0.46
C15 UQ G . -7.63 -10.23 -0.61
C16 UQ G . -10.35 -10.11 -0.87
C17 UQ G . -10.48 -11.25 -0.40
C18 UQ G . -11.86 -11.30 0.24
C19 UQ G . -12.46 -12.40 0.33
C20 UQ G . -13.84 -12.34 0.98
C21 UQ G . -11.79 -13.70 -0.19
C22 UQ G . -12.72 -14.96 -0.43
C23 UQ G . -13.12 -15.20 -1.94
C24 UQ G . -13.77 -16.23 -2.48
C25 UQ G . -13.96 -16.07 -4.01
C26 UQ G . -14.28 -17.53 -1.73
C27 UQ G . -15.82 -17.75 -1.47
C28 UQ G . -16.68 -17.50 -2.72
C29 UQ G . -17.89 -17.96 -2.94
C30 UQ G . -18.44 -17.49 -4.30
C31 UQ G . -18.78 -18.89 -2.00
C32 UQ G . -20.06 -19.51 -2.68
C33 UQ G . -21.38 -19.00 -2.02
C34 UQ G . -22.50 -18.42 -2.58
C35 UQ G . -22.76 -18.14 -4.13
C36 UQ G . -23.68 -18.01 -1.62
C37 UQ G . -24.88 -18.27 -2.56
C38 UQ G . -26.25 -18.03 -1.90
C39 UQ G . -27.26 -18.30 -2.68
C40 UQ G . -26.99 -18.80 -4.15
C41 UQ G . -28.69 -18.11 -2.13
O2 UQ G . -13.77 -0.54 -6.41
O3 UQ G . -11.97 1.09 -5.60
O4 UQ G . -10.56 0.66 -3.42
O1 UQ G . -13.98 -2.94 -4.86
FE FE H . -5.98 4.58 -4.33
MG BCL I . 1.41 -21.65 0.97
CHA BCL I . 0.93 -20.67 4.08
CHB BCL I . -1.98 -21.76 0.50
CHC BCL I . 1.88 -22.65 -2.27
CHD BCL I . 4.89 -21.05 1.21
NA BCL I . -0.31 -21.27 2.14
C1A BCL I . -0.26 -20.83 3.44
C2A BCL I . -1.59 -20.56 3.97
C3A BCL I . -2.53 -20.92 2.77
C4A BCL I . -1.58 -21.34 1.74
CMA BCL I . -3.49 -22.05 3.08
CAA BCL I . -1.74 -19.11 4.43
CBA BCL I . -3.13 -18.53 4.20
CGA BCL I . -3.06 -17.22 3.48
O1A BCL I . -2.72 -16.18 4.01
O2A BCL I . -3.40 -17.34 2.21
NB BCL I . 0.18 -22.13 -0.58
C1B BCL I . -1.19 -22.13 -0.56
C2B BCL I . -1.68 -22.57 -1.84
C3B BCL I . -0.61 -22.81 -2.63
C4B BCL I . 0.58 -22.53 -1.83
CMB BCL I . -3.13 -22.72 -2.21
CAB BCL I . -0.60 -23.21 -4.05
OBB BCL I . -0.69 -24.38 -4.42
CBB BCL I . -0.48 -22.21 -5.23
NC BCL I . 3.11 -21.83 -0.32
C1C BCL I . 3.06 -22.33 -1.59
C2C BCL I . 4.40 -22.47 -2.15
C3C BCL I . 5.30 -21.98 -1.13
C4C BCL I . 4.45 -21.59 0.01
CMC BCL I . 4.64 -23.93 -2.46
CAC BCL I . 6.13 -20.76 -1.62
CBC BCL I . 5.29 -19.76 -2.45
ND BCL I . 2.69 -21.01 2.35
C1D BCL I . 4.07 -20.75 2.35
C2D BCL I . 4.45 -20.18 3.59
C3D BCL I . 3.25 -20.15 4.32
C4D BCL I . 2.21 -20.70 3.55
CMD BCL I . 5.82 -19.75 3.97
CAD BCL I . 2.68 -19.79 5.59
OBD BCL I . 3.19 -19.36 6.62
CBD BCL I . 1.14 -20.01 5.47
CGD BCL I . 0.66 -20.60 6.72
O1D BCL I . 1.27 -20.63 7.74
O2D BCL I . -0.58 -21.05 6.55
CED BCL I . -1.14 -21.80 7.62
C1 BCL I . -4.05 -16.20 1.61
C2 BCL I . -5.07 -15.57 2.58
C3 BCL I . -5.65 -14.41 2.25
C4 BCL I . -5.30 -13.75 0.93
C5 BCL I . -6.64 -13.78 3.19
C6 BCL I . -8.05 -13.70 2.56
C7 BCL I . -8.40 -15.01 1.83
C8 BCL I . -9.55 -15.76 2.51
C9 BCL I . -9.94 -17.02 1.71
C10 BCL I . -10.79 -14.87 2.64
C11 BCL I . -11.53 -15.09 3.98
C12 BCL I . -12.85 -14.30 4.00
C13 BCL I . -13.94 -15.03 4.82
C14 BCL I . -13.80 -16.55 4.67
C15 BCL I . -15.36 -14.63 4.37
C16 BCL I . -15.78 -15.37 3.08
C17 BCL I . -17.20 -14.94 2.63
C18 BCL I . -17.54 -15.49 1.22
C19 BCL I . -17.18 -16.98 1.11
C20 BCL I . -16.76 -14.73 0.13
MG BCL J . 10.42 -17.51 -0.37
CHA BCL J . 8.27 -17.83 -3.10
CHB BCL J . 9.51 -14.19 -0.29
CHC BCL J . 12.69 -17.01 2.09
CHD BCL J . 11.29 -20.84 -0.64
NA BCL J . 9.09 -16.16 -1.63
C1A BCL J . 8.20 -16.57 -2.59
C2A BCL J . 7.27 -15.50 -2.93
C3A BCL J . 7.72 -14.32 -2.02
C4A BCL J . 8.82 -14.89 -1.26
CMA BCL J . 8.17 -13.11 -2.80
CAA BCL J . 5.79 -15.88 -2.66
CBA BCL J . 5.19 -16.75 -3.77
CGA BCL J . 3.74 -17.09 -3.50
O1A BCL J . 3.31 -17.30 -2.39
O2A BCL J . 3.01 -17.13 -4.62
NB BCL J . 11.00 -15.88 0.71
C1B BCL J . 10.51 -14.60 0.58
C2B BCL J . 11.20 -13.76 1.55
C3B BCL J . 12.11 -14.51 2.22
C4B BCL J . 11.97 -15.88 1.70
CMB BCL J . 10.95 -12.31 1.77
CAB BCL J . 13.06 -14.01 3.24
OBB BCL J . 13.88 -14.75 3.80
CBB BCL J . 13.17 -12.53 3.70
NC BCL J . 11.74 -18.72 0.56
C1C BCL J . 12.59 -18.33 1.57
C2C BCL J . 13.38 -19.46 2.03
C3C BCL J . 12.97 -20.59 1.22
C4C BCL J . 11.95 -20.09 0.30
CMC BCL J . 14.84 -19.16 1.85
CAC BCL J . 12.43 -21.77 2.07
CBC BCL J . 13.40 -22.13 3.21
ND BCL J . 9.93 -19.03 -1.58
C1D BCL J . 10.32 -20.37 -1.57
C2D BCL J . 9.66 -21.12 -2.56
C3D BCL J . 8.86 -20.17 -3.20
C4D BCL J . 9.04 -18.89 -2.59
CMD BCL J . 9.82 -22.58 -2.80
CAD BCL J . 7.92 -19.99 -4.26
OBD BCL J . 7.49 -20.77 -5.11
CBD BCL J . 7.47 -18.49 -4.25
CGD BCL J . 7.79 -17.94 -5.61
O1D BCL J . 7.50 -16.87 -6.02
O2D BCL J . 8.49 -18.85 -6.31
CED BCL J . 9.66 -18.39 -7.00
C1 BCL J . 1.61 -16.83 -4.49
C2 BCL J . 0.77 -17.62 -5.53
C3 BCL J . -0.57 -17.58 -5.47
C4 BCL J . -1.26 -16.77 -4.41
C5 BCL J . -1.41 -18.36 -6.46
C6 BCL J . -2.91 -18.20 -6.14
C7 BCL J . -3.54 -19.56 -5.78
C8 BCL J . -5.07 -19.50 -5.99
C9 BCL J . -5.46 -18.25 -6.80
C10 BCL J . -5.81 -19.45 -4.65
C11 BCL J . -6.65 -20.71 -4.45
C12 BCL J . -6.59 -21.19 -2.99
C13 BCL J . -7.94 -20.94 -2.29
C14 BCL J . -8.97 -20.39 -3.26
C15 BCL J . -7.78 -19.93 -1.14
C16 BCL J . -8.74 -20.27 0.03
C17 BCL J . -7.98 -20.89 1.20
C18 BCL J . -7.42 -22.29 0.84
C19 BCL J . -7.84 -23.33 1.89
C20 BCL J . -5.89 -22.28 0.77
O1D BPH K . -11.64 -12.60 -6.65
CGD BPH K . -10.48 -12.43 -6.72
O2D BPH K . -9.80 -11.57 -5.92
CED BPH K . -10.56 -10.59 -5.19
CBD BPH K . -9.51 -13.10 -7.68
CHA BPH K . -8.29 -13.52 -6.86
C4D BPH K . -7.25 -12.78 -7.36
C3D BPH K . -7.64 -11.77 -8.20
CAD BPH K . -9.00 -11.98 -8.59
OBD BPH K . -9.71 -11.45 -9.43
C2D BPH K . -6.53 -10.96 -8.40
CMD BPH K . -6.40 -9.74 -9.24
C1D BPH K . -5.50 -11.55 -7.61
ND BPH K . -5.97 -12.68 -6.99
CHD BPH K . -4.16 -11.14 -7.44
C4C BPH K . -3.24 -11.76 -6.64
C3C BPH K . -1.83 -11.38 -6.49
CAC BPH K . -1.11 -11.36 -7.86
CBC BPH K . -0.11 -10.18 -7.95
C2C BPH K . -1.25 -12.31 -5.54
CMC BPH K . -0.59 -11.60 -4.40
C1C BPH K . -2.37 -13.11 -5.04
NC BPH K . -3.52 -12.80 -5.72
CHC BPH K . -2.27 -14.09 -4.01
C4B BPH K . -3.28 -14.84 -3.43
C3B BPH K . -3.14 -15.84 -2.36
CAB BPH K . -1.88 -16.35 -1.79
CBB BPH K . -1.59 -17.85 -1.52
OBB BPH K . -0.94 -15.61 -1.48
C2B BPH K . -4.38 -16.28 -2.08
CMB BPH K . -4.77 -17.20 -0.96
C1B BPH K . -5.30 -15.68 -3.03
NB BPH K . -4.61 -14.78 -3.79
CHB BPH K . -6.65 -15.94 -3.12
C4A BPH K . -7.55 -15.46 -4.04
C3A BPH K . -8.97 -15.81 -4.03
CMA BPH K . -9.63 -15.45 -2.73
C2A BPH K . -9.53 -15.01 -5.24
C1A BPH K . -8.35 -14.33 -5.78
NA BPH K . -7.23 -14.61 -5.04
CAA BPH K . -10.16 -15.94 -6.28
CBA BPH K . -9.13 -16.84 -6.92
CGA BPH K . -9.11 -18.16 -6.25
O1A BPH K . -8.48 -18.37 -5.23
O2A BPH K . -9.87 -19.04 -6.87
C1 BPH K . -11.22 -19.16 -6.41
C2 BPH K . -11.33 -20.22 -5.31
C3 BPH K . -12.45 -20.93 -5.15
C4 BPH K . -13.63 -20.68 -6.05
C5 BPH K . -12.50 -21.99 -4.08
C6 BPH K . -13.83 -21.92 -3.30
C7 BPH K . -13.59 -21.98 -1.78
C8 BPH K . -13.98 -23.35 -1.20
C9 BPH K . -15.48 -23.38 -0.82
C10 BPH K . -13.18 -23.68 0.07
C11 BPH K . -13.84 -24.84 0.85
C12 BPH K . -14.39 -24.35 2.19
C13 BPH K . -13.43 -23.34 2.83
C14 BPH K . -12.01 -23.94 2.93
C15 BPH K . -13.88 -22.97 4.26
C16 BPH K . -13.99 -21.45 4.39
C17 BPH K . -15.24 -20.92 3.69
C18 BPH K . -15.24 -19.38 3.63
C19 BPH K . -16.64 -18.83 3.97
C20 BPH K . -14.86 -18.88 2.21
C1 UQ L . 1.86 10.85 -6.36
C2 UQ L . 0.40 10.98 -6.16
C3 UQ L . -0.07 10.44 -5.06
C4 UQ L . 0.78 9.77 -4.11
C5 UQ L . 2.19 9.66 -4.32
C6 UQ L . 2.76 10.17 -5.40
CM5 UQ L . 2.84 8.92 -3.23
CM3 UQ L . -2.11 9.31 -4.78
CM2 UQ L . -1.21 12.76 -6.46
C7 UQ L . 4.27 10.07 -5.75
C8 UQ L . 4.61 8.81 -6.61
C9 UQ L . 5.63 7.94 -6.66
C10 UQ L . 5.64 7.07 -7.91
C11 UQ L . 6.81 7.68 -5.65
C12 UQ L . 7.17 6.16 -5.42
C13 UQ L . 7.58 5.29 -3.85
C14 UQ L . 8.30 4.18 -3.97
C15 UQ L . 8.14 3.31 -5.23
C16 UQ L . 9.33 3.70 -2.88
C17 UQ L . 10.84 4.01 -3.29
C18 UQ L . 11.17 5.43 -2.78
C19 UQ L . 12.05 6.22 -3.30
C20 UQ L . 12.26 7.62 -2.69
C21 UQ L . 12.92 5.74 -4.49
C22 UQ L . 14.30 6.32 -4.12
C23 UQ L . 15.17 6.94 -5.24
C24 UQ L . 14.97 7.02 -6.53
C25 UQ L . 13.74 6.47 -7.27
C26 UQ L . 16.11 7.69 -7.33
C27 UQ L . 16.58 9.10 -6.88
C28 UQ L . 16.30 10.19 -7.98
C29 UQ L . 16.20 11.50 -7.76
C30 UQ L . 16.39 12.08 -6.32
C31 UQ L . 15.91 12.52 -8.91
C32 UQ L . 16.29 13.93 -8.39
C33 UQ L . 17.05 14.78 -9.44
C34 UQ L . 17.88 15.77 -9.12
C35 UQ L . 18.21 16.21 -7.66
C36 UQ L . 18.53 16.52 -10.30
C37 UQ L . 17.76 17.85 -10.51
C38 UQ L . 16.87 17.81 -11.81
C39 UQ L . 16.02 18.76 -12.17
C40 UQ L . 15.17 18.67 -13.45
C41 UQ L . 15.85 20.03 -11.34
O2 UQ L . -0.47 11.63 -7.02
O3 UQ L . -1.37 10.54 -4.78
O4 UQ L . 0.34 9.28 -3.11
O1 UQ L . 2.39 11.31 -7.35
#